data_3OKY
#
_entry.id   3OKY
#
_cell.length_a   155.544
_cell.length_b   159.596
_cell.length_c   139.256
_cell.angle_alpha   90.00
_cell.angle_beta   90.00
_cell.angle_gamma   90.00
#
_symmetry.space_group_name_H-M   'C 2 2 21'
#
loop_
_entity.id
_entity.type
_entity.pdbx_description
1 polymer Plexin-A2
2 polymer 'Putative uncharacterized protein'
3 branched 2-acetamido-2-deoxy-beta-D-glucopyranose-(1-4)-2-acetamido-2-deoxy-beta-D-glucopyranose
4 non-polymer 2-acetamido-2-deoxy-beta-D-glucopyranose
5 non-polymer GLYCEROL
6 water water
#
loop_
_entity_poly.entity_id
_entity_poly.type
_entity_poly.pdbx_seq_one_letter_code
_entity_poly.pdbx_strand_id
1 'polypeptide(L)'
;ETGMPQYSTFHSENRDWTFNHLTVHRRTGAVYVGAINRVYKLTGNLTIQVAHKTGPEEDNKACYPPLIVQPCSEVLTLTN
NVNKLLIIDYSENRLLACGSLYQGVCKLLRLDDLFILVEPSHKKEHYLSSVNKTGTMYGVIVRSEGEDGKLFIGTAVDGK
QDYFPTLSSRKLPRDPESSAMLDYELHSDFVSSLIKIPSDTLALVSHFDIFYIYGFASGGFVYFLTVQPETPDGMAINSA
GDLFYTSRIVRLCKDDPKFHSYVSLPFGCTRAGVEYRLLQAAYLAKPGEALAQAFNISSDEDVLFAIFSKGQKQYHHPPD
DSALCAFPIRAINLQIKERLQSCYHGEGNLELNWLLGKDVQCTKAPVPIDDNFCGLDINQPLGGSTPVEGLTLYTTSRDR
LTSVASYVYNGYSVVFVGTKSGKLKKIRADGPPHGGVQYEMVSVFKDGSPILRDMAFSINQLYLYVMSERQVTRVPVESC
EQYTTCGECLSSGDPHCGWCALHNMCSRRDKCQRAWEANRFAASISQCMSLEVHPNSISVSDHSRLLSLVVNDAPNLSEG
IACAFGNLTEVEGQVSGSQVICISPGPKDVPVIPLDQDWFGLELQLRSKETGKIFVSTEFKFYNCSAHQLCLSCVNSAFR
CHWCKYRNLCTHDPTTCSFQEGRINVSEDCPQGTKHHHHHH
;
A
2 'polypeptide(L)'
;ETGGFPEDSEPISISHGNYTKQYPVFVGHKPGRNTTQRHRLDIQMIMIMNRTLYVAARDHIYTVDIDTSHTEEIYCSKKL
TWKSRQADVDTCRMKGKHKDECHNFIKVLLKKNDDTLFVCGTNAFNPSCRNYRVDTLETFGDEFSGMARCPYDAKHANIA
LFADGKLYSATVTDFLAIDAVIYRSLGDSPTLRTVKHDSKWLKEPYFVQAVDYGDYIYFFFREIAVEYNTMGKVVFPRVA
QVCKNDMGGSQRVLEKQWTSFLKARLNCSVPGDSHFYFNILQAVTDVIRINGRDVVLATFSTPYNSIPGSAVCAYDMLDI
ANVFTGRFKEQKSPDSTWTPVPDERVPKPRPGCCAGSSSLEKYATSNEFPDDTLNFIKTHPLMDEAVPSIINRPWFLRTM
VRYRLTKIAVDNAAGPYQNHTVVFLGSEKGIILKFLARIGSSGFLNGSLFLEEMNVYNPEKCSYDGVEDKRIMGMQLDRA
SGSLYVAFSTCVIKVPLGRCERHGKCKKTCIASRDPYCGWVRESGSCAHLSPLSRLTFEQDIERGNTDGLGDCHNSGTKH
HHHHH
;
B
#
# COMPACT_ATOMS: atom_id res chain seq x y z
N GLN A 6 -17.22 -37.94 -26.08
CA GLN A 6 -15.95 -38.22 -26.74
C GLN A 6 -15.22 -36.93 -27.12
N TYR A 7 -14.93 -36.10 -26.12
CA TYR A 7 -14.26 -34.83 -26.35
C TYR A 7 -12.76 -35.00 -26.53
N SER A 8 -12.18 -34.28 -27.49
CA SER A 8 -10.74 -34.23 -27.63
C SER A 8 -10.14 -33.88 -26.27
N THR A 9 -9.01 -34.50 -25.95
CA THR A 9 -8.40 -34.30 -24.66
C THR A 9 -6.90 -34.53 -24.72
N PHE A 10 -6.19 -33.89 -23.79
CA PHE A 10 -4.75 -34.00 -23.70
C PHE A 10 -4.40 -34.25 -22.24
N HIS A 11 -3.63 -35.31 -21.99
CA HIS A 11 -3.29 -35.71 -20.62
C HIS A 11 -1.90 -35.20 -20.25
N SER A 12 -1.68 -34.99 -18.95
CA SER A 12 -0.34 -34.64 -18.50
C SER A 12 0.56 -35.84 -18.74
N GLU A 13 1.83 -35.57 -19.06
CA GLU A 13 2.79 -36.61 -19.35
C GLU A 13 3.22 -37.32 -18.07
N ASN A 14 2.73 -36.85 -16.94
CA ASN A 14 3.26 -37.24 -15.66
C ASN A 14 2.33 -36.84 -14.51
N ARG A 15 2.03 -37.79 -13.63
CA ARG A 15 1.15 -37.57 -12.48
C ARG A 15 1.57 -36.39 -11.60
N ASP A 16 2.78 -35.88 -11.80
CA ASP A 16 3.29 -34.82 -10.94
C ASP A 16 3.57 -33.52 -11.70
N TRP A 17 3.62 -33.60 -13.02
CA TRP A 17 3.78 -32.39 -13.83
C TRP A 17 2.41 -31.81 -14.16
N THR A 18 1.72 -31.32 -13.13
CA THR A 18 0.33 -30.93 -13.23
C THR A 18 0.10 -29.63 -14.00
N PHE A 19 -1.10 -29.49 -14.57
CA PHE A 19 -1.46 -28.29 -15.34
C PHE A 19 -1.83 -27.12 -14.43
N ASN A 20 -1.35 -25.93 -14.80
CA ASN A 20 -1.60 -24.73 -13.98
C ASN A 20 -2.47 -23.69 -14.69
N HIS A 21 -2.09 -23.36 -15.92
CA HIS A 21 -2.78 -22.31 -16.68
C HIS A 21 -3.04 -22.70 -18.13
N LEU A 22 -3.96 -21.98 -18.76
CA LEU A 22 -4.37 -22.27 -20.11
C LEU A 22 -4.76 -20.96 -20.79
N THR A 23 -4.33 -20.76 -22.03
CA THR A 23 -4.77 -19.62 -22.81
C THR A 23 -4.85 -19.98 -24.29
N VAL A 24 -5.79 -19.37 -25.00
CA VAL A 24 -5.99 -19.67 -26.42
C VAL A 24 -5.83 -18.44 -27.29
N HIS A 25 -4.95 -18.55 -28.29
CA HIS A 25 -4.68 -17.42 -29.18
C HIS A 25 -5.91 -17.08 -30.03
N ARG A 26 -6.39 -15.83 -29.94
CA ARG A 26 -7.67 -15.45 -30.57
C ARG A 26 -7.65 -15.58 -32.09
N ARG A 27 -6.48 -15.41 -32.70
CA ARG A 27 -6.38 -15.39 -34.16
C ARG A 27 -5.90 -16.71 -34.77
N THR A 28 -4.99 -17.40 -34.09
CA THR A 28 -4.47 -18.66 -34.63
C THR A 28 -5.16 -19.88 -34.05
N GLY A 29 -5.76 -19.74 -32.88
CA GLY A 29 -6.45 -20.86 -32.26
C GLY A 29 -5.48 -21.82 -31.57
N ALA A 30 -4.20 -21.47 -31.56
CA ALA A 30 -3.21 -22.25 -30.85
C ALA A 30 -3.54 -22.31 -29.38
N VAL A 31 -3.46 -23.50 -28.78
CA VAL A 31 -3.71 -23.66 -27.35
C VAL A 31 -2.39 -23.75 -26.61
N TYR A 32 -2.18 -22.87 -25.63
CA TYR A 32 -0.98 -22.91 -24.81
C TYR A 32 -1.34 -23.34 -23.40
N VAL A 33 -0.60 -24.31 -22.88
CA VAL A 33 -0.84 -24.79 -21.53
C VAL A 33 0.40 -24.64 -20.66
N GLY A 34 0.26 -23.90 -19.55
CA GLY A 34 1.31 -23.78 -18.56
C GLY A 34 1.15 -24.87 -17.52
N ALA A 35 2.21 -25.64 -17.31
CA ALA A 35 2.20 -26.73 -16.35
C ALA A 35 3.53 -26.82 -15.60
N ILE A 36 3.56 -27.61 -14.55
CA ILE A 36 4.80 -27.85 -13.82
C ILE A 36 5.86 -28.46 -14.74
N ASN A 37 7.01 -27.79 -14.83
CA ASN A 37 8.11 -28.22 -15.70
C ASN A 37 7.83 -28.14 -17.22
N ARG A 38 6.64 -27.71 -17.60
CA ARG A 38 6.30 -27.67 -19.03
C ARG A 38 5.43 -26.51 -19.46
N VAL A 39 5.71 -25.99 -20.66
CA VAL A 39 4.76 -25.16 -21.39
C VAL A 39 4.47 -25.83 -22.72
N TYR A 40 3.20 -26.07 -23.01
CA TYR A 40 2.82 -26.79 -24.21
C TYR A 40 2.17 -25.87 -25.23
N LYS A 41 2.50 -26.08 -26.50
CA LYS A 41 1.70 -25.52 -27.58
C LYS A 41 0.97 -26.66 -28.29
N LEU A 42 -0.35 -26.60 -28.30
CA LEU A 42 -1.14 -27.67 -28.89
C LEU A 42 -1.98 -27.12 -30.05
N THR A 43 -2.49 -28.02 -30.88
CA THR A 43 -3.40 -27.64 -31.96
C THR A 43 -4.80 -27.45 -31.40
N GLY A 44 -5.72 -27.02 -32.27
CA GLY A 44 -7.10 -26.84 -31.88
C GLY A 44 -7.72 -28.07 -31.24
N ASN A 45 -7.37 -29.23 -31.65
CA ASN A 45 -7.94 -30.44 -31.07
C ASN A 45 -7.00 -31.12 -30.06
N LEU A 46 -6.08 -30.33 -29.63
CA LEU A 46 -5.21 -30.74 -28.52
C LEU A 46 -4.16 -31.79 -28.89
N THR A 47 -3.57 -31.65 -30.07
CA THR A 47 -2.41 -32.46 -30.45
C THR A 47 -1.14 -31.63 -30.23
N ILE A 48 -0.16 -32.18 -29.52
CA ILE A 48 1.05 -31.44 -29.21
C ILE A 48 1.83 -31.08 -30.47
N GLN A 49 2.20 -29.81 -30.63
CA GLN A 49 3.16 -29.49 -31.68
C GLN A 49 4.53 -29.09 -31.15
N VAL A 50 4.57 -28.61 -29.91
CA VAL A 50 5.85 -28.33 -29.27
C VAL A 50 5.68 -28.20 -27.76
N ALA A 51 6.67 -28.70 -27.02
CA ALA A 51 6.65 -28.67 -25.58
C ALA A 51 7.96 -28.09 -25.07
N HIS A 52 7.88 -26.97 -24.36
CA HIS A 52 9.06 -26.31 -23.82
C HIS A 52 9.28 -26.78 -22.39
N LYS A 53 10.49 -27.26 -22.11
CA LYS A 53 10.82 -27.79 -20.79
C LYS A 53 11.35 -26.67 -19.89
N THR A 54 10.78 -26.54 -18.69
CA THR A 54 11.13 -25.43 -17.80
C THR A 54 11.75 -25.90 -16.49
N GLY A 55 11.78 -27.21 -16.30
CA GLY A 55 12.31 -27.83 -15.10
C GLY A 55 12.24 -29.33 -15.25
N PRO A 56 12.59 -30.08 -14.20
CA PRO A 56 13.09 -29.59 -12.91
C PRO A 56 14.51 -29.08 -13.04
N GLU A 57 14.97 -28.32 -12.05
CA GLU A 57 16.35 -27.86 -12.01
C GLU A 57 16.79 -27.73 -10.56
N GLU A 58 18.09 -27.80 -10.32
CA GLU A 58 18.60 -27.67 -8.97
C GLU A 58 18.49 -26.24 -8.51
N ASP A 59 18.02 -26.05 -7.28
CA ASP A 59 17.72 -24.71 -6.78
C ASP A 59 17.61 -24.68 -5.25
N ASN A 60 17.53 -23.47 -4.70
CA ASN A 60 17.20 -23.24 -3.30
C ASN A 60 16.70 -21.80 -3.16
N LYS A 61 15.61 -21.61 -2.41
CA LYS A 61 15.05 -20.29 -2.20
C LYS A 61 16.00 -19.35 -1.47
N ALA A 62 17.03 -19.91 -0.82
CA ALA A 62 17.98 -19.12 -0.05
C ALA A 62 19.01 -18.45 -0.95
N CYS A 63 19.11 -18.91 -2.19
CA CYS A 63 20.01 -18.29 -3.16
C CYS A 63 19.36 -17.03 -3.72
N TYR A 64 19.78 -15.89 -3.20
CA TYR A 64 19.27 -14.60 -3.65
C TYR A 64 20.44 -13.64 -3.76
N PRO A 65 20.68 -13.07 -4.95
CA PRO A 65 19.98 -13.36 -6.22
C PRO A 65 20.17 -14.82 -6.63
N PRO A 66 19.35 -15.31 -7.57
CA PRO A 66 19.30 -16.73 -7.97
C PRO A 66 20.62 -17.29 -8.51
N LEU A 67 20.72 -18.60 -8.59
CA LEU A 67 21.95 -19.27 -9.04
C LEU A 67 22.36 -18.83 -10.44
N ILE A 68 21.37 -18.57 -11.26
CA ILE A 68 21.59 -18.23 -12.67
C ILE A 68 22.26 -16.87 -12.81
N VAL A 69 22.36 -16.15 -11.69
CA VAL A 69 22.90 -14.80 -11.69
C VAL A 69 24.27 -14.76 -11.01
N GLN A 70 24.35 -15.38 -9.84
CA GLN A 70 25.57 -15.38 -9.05
C GLN A 70 25.76 -16.71 -8.35
N PRO A 71 27.01 -17.05 -8.01
CA PRO A 71 27.33 -18.29 -7.31
C PRO A 71 26.58 -18.40 -5.98
N CYS A 72 26.24 -19.62 -5.58
CA CYS A 72 25.53 -19.84 -4.32
C CYS A 72 26.11 -21.06 -3.62
N SER A 73 26.28 -20.94 -2.31
CA SER A 73 26.93 -21.96 -1.50
C SER A 73 25.93 -22.97 -0.94
N GLU A 74 24.65 -22.61 -0.96
CA GLU A 74 23.60 -23.42 -0.36
C GLU A 74 23.50 -24.81 -0.98
N VAL A 75 23.01 -25.76 -0.18
CA VAL A 75 22.70 -27.09 -0.69
C VAL A 75 21.52 -26.97 -1.65
N LEU A 76 21.67 -27.54 -2.84
CA LEU A 76 20.64 -27.46 -3.86
C LEU A 76 19.81 -28.73 -3.88
N THR A 77 18.55 -28.61 -4.26
CA THR A 77 17.67 -29.75 -4.43
C THR A 77 17.00 -29.64 -5.79
N LEU A 78 16.86 -30.78 -6.47
CA LEU A 78 16.13 -30.82 -7.73
C LEU A 78 14.72 -30.31 -7.49
N THR A 79 14.35 -29.25 -8.21
CA THR A 79 13.11 -28.53 -7.90
C THR A 79 12.22 -28.38 -9.12
N ASN A 80 10.94 -28.69 -8.93
CA ASN A 80 9.94 -28.52 -9.98
C ASN A 80 9.60 -27.05 -10.19
N ASN A 81 9.38 -26.68 -11.45
CA ASN A 81 9.09 -25.30 -11.82
C ASN A 81 7.61 -25.09 -12.06
N VAL A 82 6.92 -24.56 -11.06
CA VAL A 82 5.48 -24.32 -11.18
C VAL A 82 5.24 -23.14 -12.11
N ASN A 83 4.42 -23.34 -13.14
CA ASN A 83 4.06 -22.21 -13.99
C ASN A 83 3.09 -21.29 -13.25
N LYS A 84 3.48 -20.04 -13.07
CA LYS A 84 2.69 -19.13 -12.25
C LYS A 84 1.99 -18.06 -13.09
N LEU A 85 2.51 -17.83 -14.29
CA LEU A 85 1.95 -16.83 -15.20
C LEU A 85 2.07 -17.28 -16.64
N LEU A 86 0.98 -17.16 -17.40
CA LEU A 86 0.96 -17.47 -18.81
C LEU A 86 0.09 -16.46 -19.55
N ILE A 87 0.73 -15.53 -20.26
CA ILE A 87 -0.01 -14.51 -20.99
C ILE A 87 0.51 -14.31 -22.42
N ILE A 88 -0.40 -14.22 -23.36
CA ILE A 88 -0.03 -13.94 -24.74
C ILE A 88 0.20 -12.45 -24.94
N ASP A 89 1.38 -12.08 -25.44
CA ASP A 89 1.66 -10.68 -25.75
C ASP A 89 1.35 -10.47 -27.23
N TYR A 90 0.08 -10.18 -27.52
CA TYR A 90 -0.44 -10.24 -28.88
C TYR A 90 0.31 -9.40 -29.91
N SER A 91 0.46 -8.11 -29.66
CA SER A 91 1.08 -7.23 -30.64
C SER A 91 2.52 -7.61 -30.98
N GLU A 92 3.19 -8.32 -30.07
CA GLU A 92 4.59 -8.69 -30.29
C GLU A 92 4.80 -10.17 -30.59
N ASN A 93 3.72 -10.91 -30.82
CA ASN A 93 3.83 -12.32 -31.16
C ASN A 93 4.62 -13.12 -30.13
N ARG A 94 4.41 -12.84 -28.85
CA ARG A 94 5.17 -13.50 -27.79
C ARG A 94 4.25 -14.09 -26.73
N LEU A 95 4.81 -15.03 -25.98
CA LEU A 95 4.13 -15.62 -24.84
C LEU A 95 4.98 -15.34 -23.62
N LEU A 96 4.37 -14.77 -22.59
CA LEU A 96 5.07 -14.56 -21.33
C LEU A 96 4.79 -15.73 -20.42
N ALA A 97 5.86 -16.40 -19.98
CA ALA A 97 5.71 -17.55 -19.09
C ALA A 97 6.64 -17.40 -17.90
N CYS A 98 6.05 -17.29 -16.72
CA CYS A 98 6.84 -17.13 -15.49
C CYS A 98 6.64 -18.32 -14.57
N GLY A 99 7.75 -18.80 -14.00
CA GLY A 99 7.73 -19.95 -13.12
C GLY A 99 8.05 -19.60 -11.69
N SER A 100 8.25 -20.62 -10.85
CA SER A 100 8.59 -20.43 -9.44
C SER A 100 10.10 -20.51 -9.18
N LEU A 101 10.85 -21.04 -10.14
CA LEU A 101 12.29 -21.22 -9.97
C LEU A 101 13.05 -19.90 -9.96
N TYR A 102 14.22 -19.92 -9.34
CA TYR A 102 15.10 -18.75 -9.32
C TYR A 102 14.35 -17.48 -8.93
N GLN A 103 13.60 -17.57 -7.84
CA GLN A 103 12.90 -16.42 -7.29
C GLN A 103 11.84 -15.88 -8.26
N GLY A 104 11.48 -16.70 -9.23
CA GLY A 104 10.38 -16.39 -10.12
C GLY A 104 10.72 -15.51 -11.32
N VAL A 105 11.80 -15.82 -12.03
CA VAL A 105 12.08 -15.12 -13.27
C VAL A 105 11.02 -15.47 -14.30
N CYS A 106 10.95 -14.66 -15.36
CA CYS A 106 10.05 -14.90 -16.46
C CYS A 106 10.81 -15.20 -17.74
N LYS A 107 10.14 -15.89 -18.66
CA LYS A 107 10.64 -16.09 -20.00
C LYS A 107 9.68 -15.46 -20.99
N LEU A 108 10.23 -14.86 -22.05
CA LEU A 108 9.40 -14.52 -23.21
C LEU A 108 9.67 -15.56 -24.30
N LEU A 109 8.61 -16.21 -24.78
CA LEU A 109 8.74 -17.29 -25.75
C LEU A 109 8.03 -16.93 -27.04
N ARG A 110 8.61 -17.31 -28.17
CA ARG A 110 7.96 -17.18 -29.46
C ARG A 110 6.68 -18.01 -29.46
N LEU A 111 5.62 -17.45 -30.06
CA LEU A 111 4.33 -18.13 -30.10
C LEU A 111 4.35 -19.35 -31.01
N ASP A 112 5.14 -19.28 -32.08
CA ASP A 112 5.15 -20.35 -33.07
C ASP A 112 5.87 -21.61 -32.58
N ASP A 113 7.09 -21.46 -32.07
CA ASP A 113 7.89 -22.62 -31.69
C ASP A 113 8.35 -22.62 -30.23
N LEU A 114 7.80 -21.71 -29.43
CA LEU A 114 8.15 -21.61 -28.01
C LEU A 114 9.64 -21.43 -27.73
N PHE A 115 10.41 -21.00 -28.73
CA PHE A 115 11.83 -20.73 -28.47
C PHE A 115 12.02 -19.46 -27.67
N ILE A 116 13.03 -19.46 -26.80
CA ILE A 116 13.26 -18.35 -25.88
C ILE A 116 13.72 -17.09 -26.59
N LEU A 117 13.11 -15.97 -26.23
CA LEU A 117 13.50 -14.68 -26.76
C LEU A 117 14.42 -13.99 -25.77
N VAL A 118 14.02 -14.01 -24.50
CA VAL A 118 14.82 -13.40 -23.45
C VAL A 118 14.32 -13.87 -22.08
N GLU A 119 15.21 -13.85 -21.09
CA GLU A 119 14.87 -14.27 -19.74
C GLU A 119 15.50 -13.30 -18.75
N PRO A 120 14.85 -12.15 -18.52
CA PRO A 120 15.38 -11.10 -17.64
C PRO A 120 15.80 -11.67 -16.29
N SER A 121 17.03 -11.41 -15.86
CA SER A 121 17.49 -11.93 -14.58
C SER A 121 18.54 -11.05 -13.90
N HIS A 122 18.82 -9.89 -14.48
CA HIS A 122 19.95 -9.10 -14.04
C HIS A 122 19.63 -8.01 -13.01
N LYS A 123 18.35 -7.78 -12.77
CA LYS A 123 17.93 -6.82 -11.74
C LYS A 123 17.03 -7.49 -10.71
N LYS A 124 16.98 -6.92 -9.50
CA LYS A 124 16.20 -7.50 -8.41
C LYS A 124 14.70 -7.55 -8.68
N GLU A 125 14.18 -6.61 -9.46
CA GLU A 125 12.76 -6.65 -9.77
C GLU A 125 12.41 -7.63 -10.90
N HIS A 126 13.41 -8.26 -11.49
CA HIS A 126 13.16 -9.31 -12.45
C HIS A 126 12.74 -10.59 -11.74
N TYR A 127 12.89 -10.61 -10.42
CA TYR A 127 12.46 -11.76 -9.64
C TYR A 127 11.07 -11.50 -9.11
N LEU A 128 10.07 -12.12 -9.73
CA LEU A 128 8.68 -11.80 -9.45
C LEU A 128 8.22 -12.21 -8.06
N SER A 129 8.67 -13.38 -7.61
CA SER A 129 8.18 -13.96 -6.38
C SER A 129 8.58 -15.43 -6.32
N SER A 130 8.96 -15.90 -5.13
CA SER A 130 9.39 -17.29 -4.97
C SER A 130 8.24 -18.20 -4.56
N VAL A 131 7.06 -17.63 -4.31
CA VAL A 131 5.89 -18.44 -4.01
C VAL A 131 5.76 -19.55 -5.06
N ASN A 132 5.55 -20.78 -4.60
CA ASN A 132 5.39 -21.88 -5.54
C ASN A 132 4.01 -22.52 -5.52
N LYS A 133 3.05 -21.85 -4.89
CA LYS A 133 1.66 -22.28 -4.94
C LYS A 133 0.99 -21.61 -6.13
N THR A 134 0.04 -22.30 -6.73
CA THR A 134 -0.65 -21.77 -7.89
C THR A 134 -1.87 -20.96 -7.45
N GLY A 135 -2.35 -20.10 -8.36
CA GLY A 135 -3.53 -19.29 -8.10
C GLY A 135 -3.32 -18.16 -7.11
N THR A 136 -2.13 -17.56 -7.13
CA THR A 136 -1.83 -16.46 -6.22
C THR A 136 -1.23 -15.30 -7.00
N MET A 137 -1.04 -15.49 -8.30
CA MET A 137 -0.42 -14.45 -9.14
C MET A 137 -1.30 -14.17 -10.34
N TYR A 138 -1.33 -12.91 -10.77
CA TYR A 138 -2.00 -12.55 -12.02
C TYR A 138 -1.34 -11.36 -12.67
N GLY A 139 -1.41 -11.29 -13.99
CA GLY A 139 -0.87 -10.17 -14.72
C GLY A 139 -1.79 -9.60 -15.79
N VAL A 140 -1.53 -8.37 -16.17
CA VAL A 140 -2.27 -7.71 -17.22
C VAL A 140 -1.31 -6.87 -18.05
N ILE A 141 -1.23 -7.15 -19.35
CA ILE A 141 -0.40 -6.37 -20.25
C ILE A 141 -1.18 -5.14 -20.75
N VAL A 142 -0.54 -3.97 -20.68
CA VAL A 142 -1.14 -2.77 -21.23
C VAL A 142 -0.21 -2.13 -22.26
N ARG A 143 -0.70 -2.01 -23.49
CA ARG A 143 0.05 -1.35 -24.55
C ARG A 143 -0.88 -0.85 -25.65
N SER A 144 -0.97 0.47 -25.78
CA SER A 144 -1.77 1.06 -26.84
C SER A 144 -0.89 1.23 -28.07
N GLU A 145 -1.50 1.59 -29.20
CA GLU A 145 -0.73 1.96 -30.37
C GLU A 145 0.09 3.21 -30.01
N GLY A 146 1.39 3.15 -30.26
CA GLY A 146 2.27 4.26 -29.95
C GLY A 146 3.06 4.09 -28.67
N GLU A 147 2.52 3.31 -27.73
CA GLU A 147 3.20 3.07 -26.46
C GLU A 147 4.12 1.86 -26.53
N ASP A 148 5.18 1.87 -25.73
CA ASP A 148 6.15 0.79 -25.73
C ASP A 148 5.63 -0.44 -24.99
N GLY A 149 4.90 -0.22 -23.90
CA GLY A 149 4.24 -1.30 -23.20
C GLY A 149 4.61 -1.44 -21.73
N LYS A 150 3.66 -1.97 -20.95
CA LYS A 150 3.89 -2.21 -19.53
C LYS A 150 3.13 -3.44 -19.06
N LEU A 151 3.58 -4.02 -17.96
CA LEU A 151 2.97 -5.23 -17.42
C LEU A 151 2.65 -5.05 -15.94
N PHE A 152 1.37 -5.14 -15.59
CA PHE A 152 0.95 -5.06 -14.20
C PHE A 152 0.93 -6.47 -13.61
N ILE A 153 1.66 -6.69 -12.52
CA ILE A 153 1.69 -7.99 -11.86
C ILE A 153 1.25 -7.92 -10.39
N GLY A 154 0.29 -8.74 -10.03
CA GLY A 154 -0.09 -8.90 -8.63
C GLY A 154 0.33 -10.30 -8.22
N THR A 155 0.89 -10.43 -7.02
CA THR A 155 1.37 -11.72 -6.57
C THR A 155 1.51 -11.83 -5.05
N ALA A 156 1.25 -13.02 -4.51
CA ALA A 156 1.64 -13.36 -3.15
C ALA A 156 3.16 -13.19 -3.06
N VAL A 157 3.68 -12.88 -1.87
CA VAL A 157 5.12 -12.61 -1.75
C VAL A 157 5.86 -13.53 -0.78
N ASP A 158 5.16 -14.50 -0.19
CA ASP A 158 5.84 -15.55 0.54
C ASP A 158 6.50 -15.00 1.79
N GLY A 159 5.91 -13.98 2.39
CA GLY A 159 6.48 -13.37 3.57
C GLY A 159 7.83 -12.73 3.34
N LYS A 160 8.23 -12.59 2.08
CA LYS A 160 9.45 -11.88 1.71
C LYS A 160 9.13 -10.48 1.19
N GLN A 161 8.49 -9.68 2.04
CA GLN A 161 7.92 -8.40 1.62
C GLN A 161 8.96 -7.43 1.07
N ASP A 162 10.22 -7.63 1.42
CA ASP A 162 11.24 -6.72 0.94
C ASP A 162 11.91 -7.20 -0.34
N TYR A 163 11.66 -8.46 -0.72
CA TYR A 163 12.16 -8.99 -1.99
C TYR A 163 11.21 -8.66 -3.12
N PHE A 164 9.92 -8.84 -2.86
CA PHE A 164 8.93 -8.82 -3.92
C PHE A 164 7.74 -7.90 -3.62
N PRO A 165 7.51 -6.91 -4.50
CA PRO A 165 6.29 -6.10 -4.42
C PRO A 165 5.06 -6.98 -4.58
N THR A 166 4.00 -6.70 -3.84
CA THR A 166 2.75 -7.44 -4.00
C THR A 166 2.00 -7.00 -5.26
N LEU A 167 2.23 -5.77 -5.70
CA LEU A 167 1.63 -5.27 -6.93
C LEU A 167 2.52 -4.21 -7.53
N SER A 168 2.71 -4.25 -8.84
CA SER A 168 3.61 -3.28 -9.47
C SER A 168 3.45 -3.22 -10.97
N SER A 169 4.10 -2.21 -11.55
CA SER A 169 4.10 -2.03 -12.99
C SER A 169 5.53 -2.15 -13.52
N ARG A 170 5.72 -2.97 -14.54
CA ARG A 170 7.05 -3.16 -15.11
C ARG A 170 7.02 -2.87 -16.60
N LYS A 171 8.14 -2.38 -17.13
CA LYS A 171 8.24 -2.14 -18.56
C LYS A 171 8.19 -3.42 -19.35
N LEU A 172 7.46 -3.41 -20.45
CA LEU A 172 7.41 -4.56 -21.35
C LEU A 172 7.59 -4.05 -22.78
N PRO A 173 8.80 -3.61 -23.12
CA PRO A 173 9.10 -2.97 -24.42
C PRO A 173 8.85 -3.89 -25.61
N ARG A 174 8.52 -3.29 -26.75
CA ARG A 174 8.27 -4.06 -27.96
C ARG A 174 9.53 -4.85 -28.33
N ASP A 175 10.68 -4.22 -28.18
CA ASP A 175 11.94 -4.87 -28.52
C ASP A 175 12.33 -5.88 -27.45
N PRO A 176 12.34 -7.17 -27.81
CA PRO A 176 12.68 -8.23 -26.85
C PRO A 176 14.07 -8.01 -26.25
N GLU A 177 14.94 -7.34 -27.00
CA GLU A 177 16.32 -7.14 -26.56
C GLU A 177 16.50 -5.87 -25.74
N SER A 178 15.40 -5.17 -25.48
CA SER A 178 15.45 -3.94 -24.70
C SER A 178 16.25 -4.09 -23.42
N SER A 179 17.11 -3.11 -23.16
CA SER A 179 17.88 -3.08 -21.92
C SER A 179 17.00 -2.73 -20.73
N ALA A 180 15.73 -2.44 -20.99
CA ALA A 180 14.80 -2.08 -19.92
C ALA A 180 13.73 -3.14 -19.64
N MET A 181 13.84 -4.28 -20.31
CA MET A 181 12.82 -5.34 -20.19
C MET A 181 12.53 -5.75 -18.74
N LEU A 182 11.26 -5.64 -18.35
CA LEU A 182 10.81 -5.96 -16.99
C LEU A 182 11.37 -5.12 -15.83
N ASP A 183 12.07 -4.02 -16.12
CA ASP A 183 12.40 -3.04 -15.09
C ASP A 183 11.12 -2.43 -14.53
N TYR A 184 11.18 -1.85 -13.34
CA TYR A 184 10.05 -1.07 -12.84
C TYR A 184 9.73 0.07 -13.81
N GLU A 185 8.45 0.36 -13.98
CA GLU A 185 8.07 1.48 -14.85
C GLU A 185 8.70 2.75 -14.28
N LEU A 186 8.63 2.89 -12.96
CA LEU A 186 9.21 4.05 -12.30
C LEU A 186 9.97 3.58 -11.07
N HIS A 187 11.24 3.97 -11.00
CA HIS A 187 12.03 3.71 -9.81
C HIS A 187 12.77 4.97 -9.34
N SER A 188 12.44 5.40 -8.12
CA SER A 188 13.03 6.57 -7.48
C SER A 188 13.34 6.17 -6.05
N ASP A 189 14.04 7.04 -5.33
CA ASP A 189 14.41 6.72 -3.95
C ASP A 189 13.17 6.63 -3.08
N PHE A 190 12.18 7.46 -3.40
CA PHE A 190 11.01 7.59 -2.54
C PHE A 190 9.72 7.22 -3.25
N VAL A 191 9.73 7.25 -4.57
CA VAL A 191 8.51 6.97 -5.32
C VAL A 191 8.76 5.97 -6.44
N SER A 192 8.13 4.80 -6.35
CA SER A 192 8.24 3.79 -7.39
C SER A 192 6.88 3.21 -7.79
N SER A 193 6.83 2.58 -8.96
CA SER A 193 5.61 2.02 -9.50
C SER A 193 5.31 0.64 -8.91
N LEU A 194 5.15 0.59 -7.58
CA LEU A 194 4.96 -0.66 -6.86
C LEU A 194 4.35 -0.44 -5.47
N ILE A 195 3.66 -1.46 -4.97
CA ILE A 195 3.19 -1.51 -3.58
C ILE A 195 3.91 -2.64 -2.85
N LYS A 196 4.49 -2.35 -1.69
CA LYS A 196 5.06 -3.39 -0.85
C LYS A 196 4.20 -3.66 0.38
N ILE A 197 4.10 -4.93 0.78
CA ILE A 197 3.42 -5.26 2.02
C ILE A 197 4.26 -4.83 3.21
N PRO A 198 3.69 -4.02 4.14
CA PRO A 198 4.42 -3.57 5.32
C PRO A 198 4.78 -4.70 6.29
N SER A 199 5.96 -4.60 6.88
CA SER A 199 6.38 -5.57 7.90
C SER A 199 5.32 -5.69 9.00
N ASP A 200 4.74 -4.54 9.37
CA ASP A 200 3.73 -4.48 10.42
C ASP A 200 2.59 -5.47 10.21
N THR A 201 2.14 -5.59 8.96
CA THR A 201 1.02 -6.45 8.66
C THR A 201 1.42 -7.91 8.85
N LEU A 202 2.60 -8.27 8.35
CA LEU A 202 3.12 -9.62 8.54
C LEU A 202 3.30 -9.94 10.03
N ALA A 203 3.64 -8.93 10.82
CA ALA A 203 3.79 -9.12 12.26
C ALA A 203 2.43 -9.38 12.93
N LEU A 204 1.39 -8.66 12.48
CA LEU A 204 0.05 -8.80 13.04
C LEU A 204 -0.66 -10.11 12.70
N VAL A 205 -0.45 -10.61 11.49
CA VAL A 205 -1.12 -11.82 11.04
C VAL A 205 -0.12 -12.86 10.52
N SER A 206 -0.06 -14.00 11.19
CA SER A 206 0.89 -15.05 10.83
C SER A 206 0.68 -15.53 9.40
N HIS A 207 1.75 -15.49 8.62
CA HIS A 207 1.70 -15.96 7.23
C HIS A 207 0.72 -15.14 6.40
N PHE A 208 0.57 -13.87 6.75
CA PHE A 208 -0.23 -12.96 5.96
C PHE A 208 0.29 -12.93 4.54
N ASP A 209 -0.62 -12.95 3.58
CA ASP A 209 -0.26 -12.78 2.19
C ASP A 209 -1.49 -12.35 1.42
N ILE A 210 -1.28 -11.85 0.21
CA ILE A 210 -2.38 -11.41 -0.64
C ILE A 210 -2.36 -12.27 -1.89
N PHE A 211 -3.48 -12.92 -2.18
CA PHE A 211 -3.59 -13.78 -3.35
C PHE A 211 -4.33 -13.07 -4.48
N TYR A 212 -3.74 -13.07 -5.67
CA TYR A 212 -4.34 -12.38 -6.81
C TYR A 212 -5.07 -13.37 -7.71
N ILE A 213 -6.39 -13.41 -7.57
CA ILE A 213 -7.22 -14.41 -8.24
C ILE A 213 -7.42 -14.13 -9.73
N TYR A 214 -7.51 -12.85 -10.08
CA TYR A 214 -7.84 -12.46 -11.45
C TYR A 214 -7.44 -11.01 -11.65
N GLY A 215 -7.40 -10.59 -12.90
CA GLY A 215 -7.02 -9.23 -13.26
C GLY A 215 -7.45 -8.96 -14.69
N PHE A 216 -7.80 -7.71 -14.99
CA PHE A 216 -8.25 -7.35 -16.32
C PHE A 216 -8.09 -5.86 -16.56
N ALA A 217 -8.12 -5.47 -17.83
CA ALA A 217 -8.16 -4.06 -18.20
C ALA A 217 -9.58 -3.74 -18.68
N SER A 218 -10.04 -2.52 -18.40
CA SER A 218 -11.31 -2.04 -18.91
C SER A 218 -11.30 -0.51 -18.92
N GLY A 219 -11.50 0.08 -20.09
CA GLY A 219 -11.44 1.52 -20.22
C GLY A 219 -10.03 2.02 -19.90
N GLY A 220 -9.94 3.08 -19.09
CA GLY A 220 -8.65 3.64 -18.73
C GLY A 220 -7.99 3.02 -17.51
N PHE A 221 -8.54 1.92 -16.99
CA PHE A 221 -8.03 1.34 -15.75
C PHE A 221 -7.62 -0.13 -15.87
N VAL A 222 -6.87 -0.61 -14.89
CA VAL A 222 -6.68 -2.04 -14.71
C VAL A 222 -7.26 -2.43 -13.35
N TYR A 223 -7.70 -3.66 -13.22
CA TYR A 223 -8.38 -4.13 -12.03
C TYR A 223 -7.74 -5.44 -11.57
N PHE A 224 -7.50 -5.57 -10.28
CA PHE A 224 -7.06 -6.83 -9.69
C PHE A 224 -7.99 -7.29 -8.58
N LEU A 225 -8.33 -8.57 -8.58
CA LEU A 225 -9.23 -9.12 -7.59
C LEU A 225 -8.44 -10.00 -6.62
N THR A 226 -8.50 -9.66 -5.34
CA THR A 226 -7.64 -10.27 -4.34
C THR A 226 -8.41 -10.93 -3.21
N VAL A 227 -7.75 -11.88 -2.55
CA VAL A 227 -8.21 -12.41 -1.28
C VAL A 227 -7.06 -12.31 -0.28
N GLN A 228 -7.37 -11.94 0.96
CA GLN A 228 -6.34 -11.82 1.99
C GLN A 228 -6.96 -11.89 3.37
N PRO A 229 -6.15 -12.29 4.37
CA PRO A 229 -6.63 -12.30 5.76
C PRO A 229 -7.00 -10.89 6.19
N GLU A 230 -8.07 -10.76 6.96
CA GLU A 230 -8.51 -9.46 7.44
C GLU A 230 -7.63 -9.03 8.61
N THR A 231 -7.02 -7.85 8.47
CA THR A 231 -6.21 -7.27 9.53
C THR A 231 -7.09 -6.94 10.72
N PRO A 232 -6.71 -7.46 11.91
CA PRO A 232 -7.50 -7.37 13.14
C PRO A 232 -8.43 -6.16 13.19
N LEU A 243 -9.87 -17.56 11.13
CA LEU A 243 -9.84 -16.11 10.97
C LEU A 243 -10.60 -15.69 9.72
N PHE A 244 -10.80 -14.38 9.57
CA PHE A 244 -11.63 -13.84 8.48
C PHE A 244 -10.81 -13.44 7.25
N TYR A 245 -11.39 -13.64 6.08
CA TYR A 245 -10.79 -13.16 4.83
C TYR A 245 -11.65 -12.09 4.16
N THR A 246 -10.99 -11.20 3.43
CA THR A 246 -11.69 -10.16 2.69
C THR A 246 -11.33 -10.23 1.21
N SER A 247 -12.33 -10.25 0.35
CA SER A 247 -12.14 -10.25 -1.09
C SER A 247 -12.33 -8.83 -1.57
N ARG A 248 -11.40 -8.34 -2.38
CA ARG A 248 -11.43 -6.92 -2.77
C ARG A 248 -11.22 -6.70 -4.26
N ILE A 249 -11.71 -5.57 -4.75
CA ILE A 249 -11.39 -5.06 -6.07
C ILE A 249 -10.35 -3.93 -5.94
N VAL A 250 -9.24 -4.07 -6.66
CA VAL A 250 -8.20 -3.06 -6.65
C VAL A 250 -8.12 -2.39 -8.02
N ARG A 251 -8.21 -1.07 -8.06
CA ARG A 251 -8.18 -0.37 -9.34
C ARG A 251 -6.99 0.59 -9.44
N LEU A 252 -6.34 0.58 -10.60
CA LEU A 252 -5.27 1.53 -10.92
C LEU A 252 -5.53 2.16 -12.28
N CYS A 253 -5.24 3.45 -12.44
CA CYS A 253 -5.17 4.03 -13.77
C CYS A 253 -4.09 3.32 -14.56
N LYS A 254 -4.35 3.12 -15.86
CA LYS A 254 -3.39 2.52 -16.77
C LYS A 254 -2.12 3.36 -16.86
N ASP A 255 -2.31 4.68 -16.79
CA ASP A 255 -1.19 5.60 -16.86
C ASP A 255 -1.02 6.34 -15.53
N ASP A 256 -0.29 5.72 -14.62
CA ASP A 256 -0.11 6.24 -13.25
C ASP A 256 1.14 5.61 -12.64
N PRO A 257 2.32 5.98 -13.14
CA PRO A 257 3.57 5.36 -12.68
C PRO A 257 3.83 5.56 -11.18
N LYS A 258 3.21 6.55 -10.54
CA LYS A 258 3.46 6.78 -9.12
C LYS A 258 2.51 5.94 -8.27
N PHE A 259 1.55 5.29 -8.91
CA PHE A 259 0.58 4.48 -8.19
C PHE A 259 -0.30 5.29 -7.22
N HIS A 260 -0.46 6.59 -7.49
CA HIS A 260 -1.34 7.42 -6.65
C HIS A 260 -2.83 7.10 -6.82
N SER A 261 -3.19 6.41 -7.90
CA SER A 261 -4.59 6.11 -8.20
C SER A 261 -5.11 4.90 -7.44
N TYR A 262 -4.25 4.24 -6.68
CA TYR A 262 -4.63 2.99 -6.01
C TYR A 262 -5.93 3.13 -5.20
N VAL A 263 -6.94 2.33 -5.54
CA VAL A 263 -8.15 2.28 -4.74
C VAL A 263 -8.55 0.82 -4.58
N SER A 264 -8.99 0.46 -3.38
CA SER A 264 -9.34 -0.93 -3.08
C SER A 264 -10.61 -1.03 -2.25
N LEU A 265 -11.58 -1.77 -2.74
CA LEU A 265 -12.87 -1.90 -2.08
C LEU A 265 -13.25 -3.37 -1.99
N PRO A 266 -13.87 -3.77 -0.87
CA PRO A 266 -14.31 -5.16 -0.76
C PRO A 266 -15.46 -5.41 -1.73
N PHE A 267 -15.68 -6.67 -2.09
CA PHE A 267 -16.84 -7.00 -2.91
C PHE A 267 -17.33 -8.41 -2.66
N GLY A 268 -18.56 -8.67 -3.09
CA GLY A 268 -19.21 -9.95 -2.90
C GLY A 268 -20.67 -9.84 -3.29
N CYS A 269 -21.48 -10.78 -2.80
CA CYS A 269 -22.89 -10.78 -3.14
C CYS A 269 -23.66 -11.58 -2.11
N THR A 270 -24.98 -11.46 -2.17
CA THR A 270 -25.83 -12.13 -1.20
C THR A 270 -27.12 -12.59 -1.86
N ARG A 271 -27.76 -13.59 -1.27
CA ARG A 271 -29.08 -14.03 -1.70
C ARG A 271 -29.76 -14.86 -0.62
N ALA A 272 -30.84 -14.32 -0.06
CA ALA A 272 -31.69 -15.05 0.87
C ALA A 272 -31.07 -15.21 2.25
N GLY A 273 -30.42 -14.15 2.73
CA GLY A 273 -29.79 -14.18 4.04
C GLY A 273 -28.39 -14.77 4.00
N VAL A 274 -28.05 -15.39 2.88
CA VAL A 274 -26.73 -15.97 2.70
C VAL A 274 -25.76 -14.99 2.03
N GLU A 275 -24.59 -14.82 2.64
CA GLU A 275 -23.56 -13.95 2.09
C GLU A 275 -22.46 -14.78 1.45
N TYR A 276 -22.07 -14.42 0.24
CA TYR A 276 -20.94 -15.06 -0.42
C TYR A 276 -19.82 -14.03 -0.59
N ARG A 277 -18.84 -14.08 0.30
CA ARG A 277 -17.83 -13.04 0.38
C ARG A 277 -16.39 -13.54 0.18
N LEU A 278 -16.24 -14.77 -0.26
CA LEU A 278 -14.94 -15.38 -0.44
C LEU A 278 -14.72 -15.69 -1.93
N LEU A 279 -13.95 -14.86 -2.62
CA LEU A 279 -13.78 -14.98 -4.07
C LEU A 279 -13.03 -16.24 -4.49
N GLN A 280 -13.53 -16.95 -5.49
CA GLN A 280 -12.92 -18.19 -5.99
C GLN A 280 -12.39 -18.08 -7.43
N ALA A 281 -13.10 -17.32 -8.26
CA ALA A 281 -12.82 -17.24 -9.70
C ALA A 281 -13.58 -16.07 -10.31
N ALA A 282 -13.12 -15.58 -11.45
CA ALA A 282 -13.76 -14.44 -12.11
C ALA A 282 -13.42 -14.42 -13.58
N TYR A 283 -14.21 -13.68 -14.36
CA TYR A 283 -14.06 -13.61 -15.81
C TYR A 283 -14.78 -12.37 -16.34
N LEU A 284 -14.08 -11.57 -17.13
CA LEU A 284 -14.66 -10.37 -17.72
C LEU A 284 -15.34 -10.69 -19.06
N ALA A 285 -16.55 -10.21 -19.27
CA ALA A 285 -17.28 -10.45 -20.53
C ALA A 285 -18.36 -9.38 -20.77
N LYS A 286 -19.06 -9.50 -21.90
CA LYS A 286 -20.20 -8.63 -22.18
C LYS A 286 -21.45 -9.10 -21.43
N PRO A 287 -22.42 -8.19 -21.23
CA PRO A 287 -23.59 -8.48 -20.40
C PRO A 287 -24.65 -9.41 -21.02
N GLY A 288 -24.90 -9.25 -22.31
CA GLY A 288 -26.12 -9.80 -22.90
C GLY A 288 -27.30 -8.88 -22.63
N GLU A 289 -28.37 -9.02 -23.41
CA GLU A 289 -29.48 -8.06 -23.32
C GLU A 289 -30.15 -8.02 -21.96
N ALA A 290 -30.46 -9.18 -21.40
CA ALA A 290 -31.14 -9.21 -20.10
C ALA A 290 -30.32 -8.47 -19.02
N LEU A 291 -29.04 -8.82 -18.89
CA LEU A 291 -28.20 -8.18 -17.86
C LEU A 291 -27.99 -6.69 -18.12
N ALA A 292 -27.83 -6.32 -19.38
CA ALA A 292 -27.66 -4.92 -19.73
C ALA A 292 -28.87 -4.12 -19.24
N GLN A 293 -30.06 -4.67 -19.43
CA GLN A 293 -31.27 -4.05 -18.93
C GLN A 293 -31.23 -3.94 -17.41
N ALA A 294 -30.95 -5.06 -16.76
CA ALA A 294 -30.95 -5.12 -15.30
C ALA A 294 -29.97 -4.11 -14.71
N PHE A 295 -28.85 -3.90 -15.39
CA PHE A 295 -27.81 -3.00 -14.89
C PHE A 295 -27.94 -1.59 -15.47
N ASN A 296 -28.89 -1.44 -16.40
CA ASN A 296 -29.06 -0.16 -17.10
C ASN A 296 -27.76 0.30 -17.76
N ILE A 297 -27.12 -0.59 -18.46
CA ILE A 297 -25.94 -0.25 -19.24
C ILE A 297 -26.14 -0.61 -20.71
N SER A 298 -25.22 -0.14 -21.54
CA SER A 298 -25.18 -0.48 -22.96
C SER A 298 -24.65 -1.88 -23.20
N SER A 299 -25.04 -2.47 -24.33
CA SER A 299 -24.70 -3.85 -24.68
C SER A 299 -23.21 -4.13 -24.75
N ASP A 300 -22.43 -3.15 -25.19
CA ASP A 300 -20.99 -3.39 -25.31
C ASP A 300 -20.16 -2.93 -24.13
N GLU A 301 -20.82 -2.67 -22.99
CA GLU A 301 -20.07 -2.36 -21.76
C GLU A 301 -19.67 -3.63 -21.01
N ASP A 302 -18.56 -3.57 -20.28
CA ASP A 302 -18.00 -4.76 -19.64
C ASP A 302 -18.73 -5.15 -18.37
N VAL A 303 -18.79 -6.45 -18.11
CA VAL A 303 -19.34 -6.99 -16.87
C VAL A 303 -18.41 -8.05 -16.28
N LEU A 304 -18.12 -7.95 -14.98
CA LEU A 304 -17.28 -8.94 -14.31
C LEU A 304 -18.14 -10.02 -13.69
N PHE A 305 -17.94 -11.25 -14.13
CA PHE A 305 -18.63 -12.41 -13.59
C PHE A 305 -17.70 -13.09 -12.58
N ALA A 306 -18.25 -13.50 -11.45
CA ALA A 306 -17.42 -14.04 -10.36
C ALA A 306 -18.08 -15.18 -9.60
N ILE A 307 -17.25 -16.09 -9.10
CA ILE A 307 -17.70 -17.15 -8.21
C ILE A 307 -17.26 -16.84 -6.80
N PHE A 308 -18.22 -16.88 -5.86
CA PHE A 308 -17.92 -16.64 -4.44
C PHE A 308 -18.38 -17.82 -3.58
N SER A 309 -17.58 -18.18 -2.59
CA SER A 309 -17.98 -19.18 -1.60
C SER A 309 -18.67 -18.48 -0.43
N LYS A 310 -19.45 -19.23 0.33
CA LYS A 310 -20.18 -18.69 1.47
C LYS A 310 -19.24 -18.13 2.54
N GLY A 311 -19.62 -16.98 3.11
CA GLY A 311 -18.96 -16.44 4.28
C GLY A 311 -17.62 -15.80 4.02
N GLN A 312 -16.86 -15.59 5.10
CA GLN A 312 -15.53 -14.99 5.04
C GLN A 312 -14.48 -15.87 5.69
N LYS A 313 -14.90 -17.02 6.23
CA LYS A 313 -13.99 -17.94 6.91
C LYS A 313 -13.61 -19.12 6.02
N GLN A 314 -12.68 -19.93 6.50
CA GLN A 314 -12.36 -21.20 5.84
C GLN A 314 -11.90 -21.00 4.40
N TYR A 315 -10.83 -20.24 4.20
CA TYR A 315 -10.32 -20.04 2.86
C TYR A 315 -9.77 -21.33 2.30
N HIS A 316 -9.12 -22.12 3.14
CA HIS A 316 -8.44 -23.34 2.70
C HIS A 316 -9.40 -24.51 2.49
N HIS A 317 -10.52 -24.51 3.21
CA HIS A 317 -11.48 -25.59 3.14
C HIS A 317 -12.91 -25.07 3.00
N PRO A 318 -13.23 -24.46 1.85
CA PRO A 318 -14.54 -23.85 1.64
C PRO A 318 -15.67 -24.88 1.65
N PRO A 319 -16.82 -24.51 2.21
CA PRO A 319 -18.03 -25.34 2.12
C PRO A 319 -18.45 -25.42 0.66
N ASP A 320 -19.48 -26.20 0.35
CA ASP A 320 -19.94 -26.27 -1.02
C ASP A 320 -20.77 -25.06 -1.40
N ASP A 321 -21.46 -24.47 -0.43
CA ASP A 321 -22.29 -23.30 -0.68
C ASP A 321 -21.52 -22.22 -1.43
N SER A 322 -21.91 -21.99 -2.69
CA SER A 322 -21.24 -20.99 -3.51
C SER A 322 -22.21 -20.31 -4.48
N ALA A 323 -21.76 -19.23 -5.11
CA ALA A 323 -22.62 -18.43 -5.95
C ALA A 323 -21.90 -17.87 -7.17
N LEU A 324 -22.67 -17.64 -8.23
CA LEU A 324 -22.21 -16.93 -9.41
C LEU A 324 -22.80 -15.52 -9.35
N CYS A 325 -21.94 -14.52 -9.50
CA CYS A 325 -22.31 -13.11 -9.32
C CYS A 325 -21.80 -12.27 -10.45
N ALA A 326 -22.53 -11.20 -10.77
CA ALA A 326 -22.15 -10.30 -11.84
C ALA A 326 -22.01 -8.85 -11.34
N PHE A 327 -20.93 -8.19 -11.76
CA PHE A 327 -20.70 -6.79 -11.42
C PHE A 327 -20.47 -5.94 -12.67
N PRO A 328 -21.41 -5.06 -13.01
CA PRO A 328 -21.10 -4.17 -14.14
C PRO A 328 -19.90 -3.29 -13.81
N ILE A 329 -18.94 -3.19 -14.72
CA ILE A 329 -17.80 -2.29 -14.50
C ILE A 329 -18.30 -0.88 -14.18
N ARG A 330 -19.43 -0.50 -14.74
CA ARG A 330 -19.96 0.84 -14.54
C ARG A 330 -20.28 1.08 -13.07
N ALA A 331 -20.88 0.09 -12.40
CA ALA A 331 -21.24 0.27 -11.01
C ALA A 331 -19.98 0.26 -10.13
N ILE A 332 -19.00 -0.57 -10.48
CA ILE A 332 -17.72 -0.59 -9.77
C ILE A 332 -17.05 0.80 -9.84
N ASN A 333 -16.90 1.34 -11.05
CA ASN A 333 -16.36 2.68 -11.22
C ASN A 333 -17.16 3.77 -10.51
N LEU A 334 -18.49 3.64 -10.53
CA LEU A 334 -19.32 4.67 -9.92
C LEU A 334 -19.12 4.71 -8.41
N GLN A 335 -19.05 3.53 -7.81
CA GLN A 335 -18.95 3.44 -6.36
C GLN A 335 -17.57 3.90 -5.89
N ILE A 336 -16.57 3.71 -6.75
CA ILE A 336 -15.24 4.21 -6.49
C ILE A 336 -15.19 5.73 -6.60
N LYS A 337 -15.75 6.27 -7.68
CA LYS A 337 -15.82 7.72 -7.83
C LYS A 337 -16.49 8.37 -6.61
N GLU A 338 -17.58 7.78 -6.14
CA GLU A 338 -18.29 8.34 -4.99
C GLU A 338 -17.46 8.23 -3.71
N ARG A 339 -16.69 7.17 -3.60
CA ARG A 339 -15.77 7.02 -2.47
C ARG A 339 -14.71 8.12 -2.52
N LEU A 340 -14.14 8.31 -3.70
CA LEU A 340 -13.19 9.40 -3.95
C LEU A 340 -13.79 10.77 -3.61
N GLN A 341 -15.01 11.02 -4.05
CA GLN A 341 -15.65 12.32 -3.80
C GLN A 341 -15.91 12.55 -2.33
N SER A 342 -16.40 11.51 -1.65
CA SER A 342 -16.62 11.58 -0.22
C SER A 342 -15.30 11.87 0.51
N CYS A 343 -14.23 11.20 0.08
CA CYS A 343 -12.94 11.38 0.73
C CYS A 343 -12.36 12.77 0.49
N TYR A 344 -12.48 13.25 -0.74
CA TYR A 344 -12.00 14.59 -1.10
C TYR A 344 -12.88 15.70 -0.54
N HIS A 345 -14.03 15.33 0.01
CA HIS A 345 -14.86 16.28 0.77
C HIS A 345 -14.47 16.30 2.25
N GLY A 346 -13.52 15.44 2.64
CA GLY A 346 -13.05 15.40 4.02
C GLY A 346 -13.82 14.48 4.94
N GLU A 347 -14.60 13.56 4.38
CA GLU A 347 -15.37 12.63 5.20
C GLU A 347 -14.59 11.36 5.56
N GLY A 348 -14.39 11.13 6.85
CA GLY A 348 -13.82 9.88 7.33
C GLY A 348 -12.34 9.67 7.06
N ASN A 349 -11.96 8.40 6.91
CA ASN A 349 -10.56 8.02 6.74
C ASN A 349 -10.34 7.15 5.50
N LEU A 350 -9.08 6.91 5.16
CA LEU A 350 -8.75 6.15 3.97
C LEU A 350 -9.15 4.68 4.13
N GLU A 351 -9.21 4.22 5.38
CA GLU A 351 -9.65 2.85 5.67
C GLU A 351 -8.95 1.78 4.82
N LEU A 352 -7.64 1.67 5.01
CA LEU A 352 -6.87 0.60 4.38
C LEU A 352 -5.73 0.22 5.33
N ASN A 353 -6.10 -0.34 6.47
CA ASN A 353 -5.16 -0.62 7.56
C ASN A 353 -3.95 -1.44 7.14
N TRP A 354 -4.18 -2.46 6.32
CA TRP A 354 -3.10 -3.38 5.97
C TRP A 354 -1.95 -2.67 5.27
N LEU A 355 -2.26 -1.62 4.52
CA LEU A 355 -1.22 -0.95 3.75
C LEU A 355 -0.70 0.31 4.45
N LEU A 356 -1.56 0.96 5.22
CA LEU A 356 -1.23 2.24 5.84
C LEU A 356 -0.62 2.06 7.23
N GLY A 357 -1.04 1.04 7.96
CA GLY A 357 -0.52 0.80 9.30
C GLY A 357 -1.07 1.76 10.35
N LYS A 358 -2.09 2.52 9.99
CA LYS A 358 -2.77 3.40 10.93
C LYS A 358 -3.93 4.12 10.27
N ASP A 359 -4.83 4.62 11.11
CA ASP A 359 -5.94 5.44 10.65
C ASP A 359 -5.40 6.73 10.05
N VAL A 360 -5.81 7.02 8.81
CA VAL A 360 -5.40 8.26 8.15
C VAL A 360 -6.64 9.02 7.65
N GLN A 361 -6.73 10.28 8.05
CA GLN A 361 -7.88 11.11 7.70
C GLN A 361 -7.95 11.45 6.23
N CYS A 362 -9.17 11.46 5.70
CA CYS A 362 -9.41 12.00 4.37
C CYS A 362 -9.15 13.50 4.39
N THR A 363 -8.48 14.00 3.35
CA THR A 363 -8.18 15.41 3.24
C THR A 363 -9.19 16.09 2.34
N LYS A 364 -9.86 17.13 2.83
CA LYS A 364 -10.71 17.95 1.98
C LYS A 364 -9.84 18.83 1.08
N ALA A 365 -10.16 18.88 -0.21
CA ALA A 365 -9.35 19.64 -1.17
C ALA A 365 -10.17 20.03 -2.42
N PRO A 366 -9.90 21.21 -2.99
CA PRO A 366 -10.67 21.73 -4.12
C PRO A 366 -10.29 21.02 -5.41
N VAL A 367 -10.61 19.75 -5.50
CA VAL A 367 -10.22 18.95 -6.64
C VAL A 367 -11.43 18.28 -7.26
N PRO A 368 -11.70 18.56 -8.53
CA PRO A 368 -12.83 17.94 -9.24
C PRO A 368 -12.52 16.48 -9.53
N ILE A 369 -13.45 15.59 -9.19
CA ILE A 369 -13.25 14.17 -9.46
C ILE A 369 -14.16 13.72 -10.59
N ASP A 370 -13.56 13.26 -11.69
CA ASP A 370 -14.30 12.79 -12.84
C ASP A 370 -14.18 11.27 -12.95
N ASP A 371 -14.86 10.71 -13.96
CA ASP A 371 -14.79 9.28 -14.21
C ASP A 371 -13.34 8.82 -14.38
N ASN A 372 -12.48 9.69 -14.90
CA ASN A 372 -11.09 9.31 -15.15
C ASN A 372 -10.04 10.01 -14.25
N PHE A 373 -10.44 10.31 -13.02
CA PHE A 373 -9.51 10.83 -12.02
C PHE A 373 -8.38 9.83 -11.77
N CYS A 374 -7.14 10.31 -11.80
CA CYS A 374 -6.00 9.41 -11.65
C CYS A 374 -5.15 9.64 -10.40
N GLY A 375 -5.74 10.27 -9.40
CA GLY A 375 -5.07 10.43 -8.12
C GLY A 375 -4.11 11.59 -8.02
N LEU A 376 -3.83 11.98 -6.77
CA LEU A 376 -2.77 12.92 -6.42
C LEU A 376 -2.04 12.33 -5.23
N ASP A 377 -1.04 13.03 -4.69
CA ASP A 377 -0.33 12.42 -3.56
C ASP A 377 -1.05 12.52 -2.22
N ILE A 378 -2.23 13.16 -2.21
CA ILE A 378 -3.09 13.12 -1.03
C ILE A 378 -4.18 12.05 -1.14
N ASN A 379 -4.80 11.70 -0.01
CA ASN A 379 -5.89 10.74 0.02
C ASN A 379 -5.62 9.41 -0.70
N GLN A 380 -4.40 8.89 -0.57
CA GLN A 380 -4.05 7.62 -1.19
C GLN A 380 -2.92 6.94 -0.42
N PRO A 381 -2.80 5.60 -0.53
CA PRO A 381 -3.72 4.71 -1.24
C PRO A 381 -5.09 4.71 -0.55
N LEU A 382 -6.15 4.45 -1.31
CA LEU A 382 -7.52 4.59 -0.80
C LEU A 382 -8.22 3.27 -0.61
N GLY A 383 -8.84 3.10 0.56
CA GLY A 383 -9.58 1.90 0.90
C GLY A 383 -11.07 2.17 1.09
N GLY A 384 -11.71 1.39 1.95
CA GLY A 384 -13.13 1.52 2.18
C GLY A 384 -13.70 0.27 2.83
N SER A 385 -14.71 0.45 3.69
CA SER A 385 -15.33 -0.65 4.40
C SER A 385 -16.61 -1.16 3.74
N THR A 386 -17.27 -0.31 2.96
CA THR A 386 -18.53 -0.70 2.34
C THR A 386 -18.29 -1.48 1.06
N PRO A 387 -18.80 -2.72 1.02
CA PRO A 387 -18.62 -3.64 -0.11
C PRO A 387 -19.34 -3.20 -1.36
N VAL A 388 -18.77 -3.54 -2.52
CA VAL A 388 -19.47 -3.46 -3.78
C VAL A 388 -20.30 -4.74 -3.92
N GLU A 389 -21.61 -4.61 -4.05
CA GLU A 389 -22.49 -5.76 -4.15
C GLU A 389 -22.76 -6.13 -5.60
N GLY A 390 -22.65 -7.42 -5.91
CA GLY A 390 -22.94 -7.88 -7.24
C GLY A 390 -24.35 -8.44 -7.31
N LEU A 391 -24.82 -8.71 -8.53
CA LEU A 391 -26.10 -9.36 -8.74
C LEU A 391 -25.90 -10.87 -8.74
N THR A 392 -26.45 -11.54 -7.73
CA THR A 392 -26.36 -12.98 -7.65
C THR A 392 -27.17 -13.60 -8.77
N LEU A 393 -26.56 -14.51 -9.53
CA LEU A 393 -27.22 -15.14 -10.67
C LEU A 393 -27.64 -16.57 -10.38
N TYR A 394 -26.80 -17.29 -9.63
CA TYR A 394 -27.01 -18.71 -9.39
C TYR A 394 -26.33 -19.18 -8.11
N THR A 395 -27.02 -20.02 -7.36
CA THR A 395 -26.43 -20.58 -6.14
C THR A 395 -26.56 -22.11 -6.10
N THR A 396 -25.65 -22.74 -5.35
CA THR A 396 -25.75 -24.17 -5.08
C THR A 396 -25.24 -24.45 -3.67
N SER A 397 -25.68 -25.58 -3.12
CA SER A 397 -25.25 -26.01 -1.80
C SER A 397 -24.70 -27.43 -1.91
N ARG A 398 -24.58 -27.91 -3.13
CA ARG A 398 -24.25 -29.31 -3.37
C ARG A 398 -22.83 -29.48 -3.86
N ASP A 399 -22.55 -29.04 -5.09
CA ASP A 399 -21.25 -29.25 -5.70
C ASP A 399 -20.54 -27.91 -5.93
N ARG A 400 -19.46 -27.67 -5.19
CA ARG A 400 -18.82 -26.37 -5.18
C ARG A 400 -18.38 -25.85 -6.56
N LEU A 401 -18.73 -24.60 -6.82
CA LEU A 401 -18.38 -23.92 -8.07
C LEU A 401 -16.93 -23.45 -8.02
N THR A 402 -16.16 -23.72 -9.06
CA THR A 402 -14.73 -23.48 -9.03
C THR A 402 -14.20 -22.58 -10.15
N SER A 403 -14.98 -22.40 -11.21
CA SER A 403 -14.49 -21.62 -12.35
C SER A 403 -15.61 -20.95 -13.13
N VAL A 404 -15.24 -20.02 -14.00
CA VAL A 404 -16.23 -19.29 -14.77
C VAL A 404 -15.67 -18.70 -16.07
N ALA A 405 -16.44 -18.83 -17.13
CA ALA A 405 -16.19 -18.14 -18.39
C ALA A 405 -17.55 -17.79 -18.97
N SER A 406 -17.58 -16.84 -19.89
CA SER A 406 -18.87 -16.37 -20.37
C SER A 406 -18.73 -15.67 -21.70
N TYR A 407 -19.74 -15.78 -22.54
CA TYR A 407 -19.82 -14.99 -23.75
C TYR A 407 -21.28 -14.77 -24.12
N VAL A 408 -21.49 -14.05 -25.22
CA VAL A 408 -22.83 -13.68 -25.61
C VAL A 408 -23.16 -14.34 -26.94
N TYR A 409 -24.29 -15.04 -26.97
CA TYR A 409 -24.78 -15.64 -28.20
C TYR A 409 -26.19 -15.15 -28.47
N ASN A 410 -26.36 -14.46 -29.59
CA ASN A 410 -27.66 -13.95 -29.97
C ASN A 410 -28.33 -13.11 -28.88
N GLY A 411 -27.53 -12.32 -28.15
CA GLY A 411 -28.08 -11.43 -27.14
C GLY A 411 -28.31 -12.09 -25.78
N TYR A 412 -28.00 -13.38 -25.71
CA TYR A 412 -28.13 -14.14 -24.47
C TYR A 412 -26.75 -14.29 -23.83
N SER A 413 -26.69 -14.09 -22.53
CA SER A 413 -25.47 -14.35 -21.78
C SER A 413 -25.41 -15.81 -21.40
N VAL A 414 -24.41 -16.52 -21.92
CA VAL A 414 -24.18 -17.90 -21.58
C VAL A 414 -22.95 -18.00 -20.66
N VAL A 415 -23.18 -18.46 -19.44
CA VAL A 415 -22.11 -18.57 -18.46
C VAL A 415 -21.78 -20.04 -18.16
N PHE A 416 -20.52 -20.41 -18.41
CA PHE A 416 -20.04 -21.75 -18.09
C PHE A 416 -19.38 -21.75 -16.72
N VAL A 417 -19.83 -22.64 -15.84
CA VAL A 417 -19.26 -22.72 -14.49
C VAL A 417 -18.77 -24.13 -14.16
N GLY A 418 -17.47 -24.29 -14.01
CA GLY A 418 -16.90 -25.58 -13.65
C GLY A 418 -17.08 -25.88 -12.18
N THR A 419 -17.02 -27.16 -11.82
CA THR A 419 -17.23 -27.54 -10.43
C THR A 419 -16.10 -28.36 -9.86
N LYS A 420 -16.15 -28.55 -8.54
CA LYS A 420 -15.13 -29.30 -7.83
C LYS A 420 -15.13 -30.80 -8.19
N SER A 421 -16.23 -31.30 -8.72
CA SER A 421 -16.30 -32.72 -9.10
C SER A 421 -16.21 -32.93 -10.61
N GLY A 422 -15.74 -31.91 -11.33
CA GLY A 422 -15.47 -32.04 -12.76
C GLY A 422 -16.67 -31.85 -13.66
N LYS A 423 -17.72 -31.21 -13.14
CA LYS A 423 -18.89 -30.86 -13.93
C LYS A 423 -18.76 -29.45 -14.52
N LEU A 424 -19.40 -29.24 -15.66
CA LEU A 424 -19.49 -27.92 -16.27
C LEU A 424 -20.96 -27.53 -16.43
N LYS A 425 -21.38 -26.48 -15.74
CA LYS A 425 -22.76 -26.02 -15.79
C LYS A 425 -22.92 -25.00 -16.92
N LYS A 426 -24.04 -25.06 -17.63
CA LYS A 426 -24.36 -24.07 -18.65
C LYS A 426 -25.56 -23.24 -18.18
N ILE A 427 -25.31 -21.97 -17.90
CA ILE A 427 -26.31 -21.13 -17.27
C ILE A 427 -26.71 -19.96 -18.19
N ARG A 428 -28.01 -19.81 -18.39
CA ARG A 428 -28.52 -18.69 -19.18
C ARG A 428 -28.83 -17.55 -18.23
N ALA A 429 -28.18 -16.41 -18.45
CA ALA A 429 -28.33 -15.29 -17.52
C ALA A 429 -29.53 -14.41 -17.82
N ASP A 430 -30.21 -13.99 -16.76
CA ASP A 430 -31.12 -12.85 -16.80
C ASP A 430 -31.26 -12.29 -15.39
N GLY A 431 -31.82 -11.09 -15.29
CA GLY A 431 -31.91 -10.42 -14.00
C GLY A 431 -32.99 -11.00 -13.13
N PRO A 432 -33.35 -10.29 -12.06
CA PRO A 432 -34.55 -10.65 -11.30
C PRO A 432 -35.75 -10.75 -12.24
N PRO A 433 -36.69 -11.64 -11.95
CA PRO A 433 -36.72 -12.49 -10.75
C PRO A 433 -36.01 -13.82 -10.92
N HIS A 434 -34.99 -14.04 -10.12
CA HIS A 434 -34.38 -15.36 -9.95
C HIS A 434 -33.77 -15.98 -11.21
N GLY A 435 -33.12 -15.17 -12.03
CA GLY A 435 -32.28 -15.66 -13.11
C GLY A 435 -30.86 -15.39 -12.69
N GLY A 436 -29.88 -16.10 -13.25
CA GLY A 436 -30.08 -16.98 -14.38
C GLY A 436 -30.48 -18.41 -14.09
N VAL A 437 -30.47 -19.22 -15.14
CA VAL A 437 -31.02 -20.57 -15.11
C VAL A 437 -30.02 -21.57 -15.67
N GLN A 438 -29.79 -22.65 -14.95
CA GLN A 438 -29.00 -23.75 -15.50
C GLN A 438 -29.87 -24.56 -16.45
N TYR A 439 -29.50 -24.61 -17.72
CA TYR A 439 -30.24 -25.41 -18.68
C TYR A 439 -29.54 -26.72 -19.00
N GLU A 440 -28.26 -26.82 -18.64
CA GLU A 440 -27.52 -28.06 -18.85
C GLU A 440 -26.29 -28.19 -17.98
N MET A 441 -26.00 -29.41 -17.56
CA MET A 441 -24.75 -29.70 -16.88
C MET A 441 -24.05 -30.89 -17.54
N VAL A 442 -22.76 -30.75 -17.79
CA VAL A 442 -21.99 -31.77 -18.50
C VAL A 442 -20.85 -32.34 -17.65
N SER A 443 -20.64 -33.65 -17.74
CA SER A 443 -19.48 -34.27 -17.10
C SER A 443 -18.28 -34.18 -18.02
N VAL A 444 -17.24 -33.48 -17.57
CA VAL A 444 -16.03 -33.33 -18.36
C VAL A 444 -14.95 -34.32 -17.93
N PHE A 445 -14.70 -34.38 -16.62
CA PHE A 445 -13.69 -35.27 -16.07
C PHE A 445 -14.35 -36.39 -15.27
N LYS A 446 -14.29 -37.60 -15.81
CA LYS A 446 -15.00 -38.74 -15.24
C LYS A 446 -14.50 -39.14 -13.85
N ASP A 447 -13.22 -38.88 -13.58
CA ASP A 447 -12.64 -39.24 -12.29
C ASP A 447 -13.01 -38.22 -11.20
N GLY A 448 -13.82 -37.23 -11.56
CA GLY A 448 -14.33 -36.26 -10.60
C GLY A 448 -13.34 -35.19 -10.15
N SER A 449 -12.36 -34.88 -11.00
CA SER A 449 -11.37 -33.87 -10.68
C SER A 449 -11.91 -32.44 -10.82
N PRO A 450 -11.53 -31.56 -9.89
CA PRO A 450 -11.98 -30.16 -9.95
C PRO A 450 -11.59 -29.51 -11.29
N ILE A 451 -12.47 -28.67 -11.80
CA ILE A 451 -12.13 -27.84 -12.94
C ILE A 451 -11.38 -26.59 -12.46
N LEU A 452 -10.20 -26.34 -13.04
CA LEU A 452 -9.38 -25.18 -12.67
C LEU A 452 -9.94 -23.85 -13.21
N ARG A 453 -9.38 -22.74 -12.74
CA ARG A 453 -9.91 -21.42 -13.08
C ARG A 453 -9.86 -21.10 -14.59
N ASP A 454 -8.78 -21.47 -15.25
CA ASP A 454 -8.53 -21.00 -16.62
C ASP A 454 -9.34 -21.73 -17.69
N MET A 455 -10.32 -21.05 -18.28
CA MET A 455 -11.05 -21.56 -19.43
C MET A 455 -10.98 -20.55 -20.56
N ALA A 456 -10.94 -21.04 -21.79
CA ALA A 456 -10.81 -20.17 -22.95
C ALA A 456 -11.59 -20.74 -24.14
N PHE A 457 -12.13 -19.86 -24.96
CA PHE A 457 -12.92 -20.27 -26.11
C PHE A 457 -12.06 -20.50 -27.33
N SER A 458 -12.53 -21.35 -28.24
CA SER A 458 -11.90 -21.48 -29.54
C SER A 458 -12.22 -20.24 -30.36
N ILE A 459 -11.61 -20.14 -31.55
CA ILE A 459 -11.70 -18.92 -32.37
C ILE A 459 -13.12 -18.45 -32.69
N ASN A 460 -14.06 -19.38 -32.84
CA ASN A 460 -15.43 -18.98 -33.13
C ASN A 460 -16.39 -19.32 -32.02
N GLN A 461 -15.85 -19.52 -30.82
CA GLN A 461 -16.65 -19.90 -29.66
C GLN A 461 -17.45 -21.17 -29.91
N LEU A 462 -16.89 -22.07 -30.70
CA LEU A 462 -17.50 -23.38 -30.92
C LEU A 462 -17.21 -24.27 -29.71
N TYR A 463 -16.04 -24.07 -29.11
CA TYR A 463 -15.62 -24.88 -27.97
C TYR A 463 -15.13 -24.02 -26.81
N LEU A 464 -15.25 -24.56 -25.61
CA LEU A 464 -14.60 -24.00 -24.45
C LEU A 464 -13.56 -25.01 -23.99
N TYR A 465 -12.31 -24.59 -23.89
CA TYR A 465 -11.27 -25.47 -23.35
C TYR A 465 -11.26 -25.37 -21.82
N VAL A 466 -11.33 -26.52 -21.18
CA VAL A 466 -11.44 -26.62 -19.74
C VAL A 466 -10.35 -27.57 -19.24
N MET A 467 -9.85 -27.35 -18.03
CA MET A 467 -8.70 -28.09 -17.56
C MET A 467 -8.87 -28.53 -16.13
N SER A 468 -8.33 -29.70 -15.81
CA SER A 468 -8.13 -30.12 -14.44
C SER A 468 -6.62 -30.20 -14.25
N GLU A 469 -6.17 -30.72 -13.11
CA GLU A 469 -4.75 -30.84 -12.86
C GLU A 469 -4.03 -31.78 -13.83
N ARG A 470 -4.77 -32.71 -14.43
CA ARG A 470 -4.13 -33.76 -15.22
C ARG A 470 -4.69 -33.85 -16.64
N GLN A 471 -5.62 -32.96 -16.97
CA GLN A 471 -6.28 -32.99 -18.27
C GLN A 471 -6.67 -31.63 -18.82
N VAL A 472 -6.60 -31.49 -20.14
CA VAL A 472 -7.24 -30.39 -20.84
C VAL A 472 -8.23 -31.00 -21.84
N THR A 473 -9.45 -30.50 -21.84
CA THR A 473 -10.52 -31.07 -22.66
C THR A 473 -11.24 -29.99 -23.46
N ARG A 474 -11.46 -30.25 -24.74
CA ARG A 474 -12.17 -29.31 -25.60
C ARG A 474 -13.67 -29.64 -25.58
N VAL A 475 -14.43 -28.80 -24.92
CA VAL A 475 -15.85 -29.05 -24.73
C VAL A 475 -16.70 -28.21 -25.69
N PRO A 476 -17.56 -28.88 -26.48
CA PRO A 476 -18.44 -28.14 -27.39
C PRO A 476 -19.34 -27.19 -26.60
N VAL A 477 -19.51 -25.97 -27.11
CA VAL A 477 -20.37 -24.99 -26.49
C VAL A 477 -21.83 -25.45 -26.50
N GLU A 478 -22.21 -26.15 -27.56
CA GLU A 478 -23.56 -26.72 -27.65
C GLU A 478 -23.53 -28.14 -28.19
N SER A 479 -24.52 -28.93 -27.75
CA SER A 479 -24.77 -30.22 -28.34
C SER A 479 -26.26 -30.31 -28.63
N CYS A 480 -26.75 -29.35 -29.42
CA CYS A 480 -28.18 -29.25 -29.72
C CYS A 480 -28.77 -30.55 -30.30
N GLU A 481 -27.98 -31.27 -31.09
CA GLU A 481 -28.50 -32.46 -31.76
C GLU A 481 -28.99 -33.54 -30.79
N GLN A 482 -28.68 -33.39 -29.50
CA GLN A 482 -29.16 -34.34 -28.51
C GLN A 482 -30.68 -34.25 -28.36
N TYR A 483 -31.25 -33.16 -28.87
CA TYR A 483 -32.70 -32.98 -28.84
C TYR A 483 -33.33 -33.50 -30.13
N THR A 484 -34.20 -34.50 -30.01
CA THR A 484 -34.66 -35.25 -31.18
C THR A 484 -36.04 -34.85 -31.71
N THR A 485 -36.75 -33.97 -31.01
CA THR A 485 -37.98 -33.41 -31.56
C THR A 485 -37.95 -31.89 -31.50
N CYS A 486 -38.72 -31.26 -32.37
CA CYS A 486 -38.81 -29.81 -32.39
C CYS A 486 -39.23 -29.29 -31.02
N GLY A 487 -40.11 -30.03 -30.36
CA GLY A 487 -40.59 -29.69 -29.02
C GLY A 487 -39.48 -29.66 -27.97
N GLU A 488 -38.71 -30.74 -27.89
CA GLU A 488 -37.57 -30.79 -26.97
C GLU A 488 -36.59 -29.66 -27.29
N CYS A 489 -36.18 -29.60 -28.54
CA CYS A 489 -35.24 -28.60 -29.02
C CYS A 489 -35.56 -27.22 -28.48
N LEU A 490 -36.78 -26.75 -28.74
CA LEU A 490 -37.15 -25.38 -28.42
C LEU A 490 -37.66 -25.19 -26.99
N SER A 491 -37.62 -26.24 -26.18
CA SER A 491 -37.99 -26.11 -24.77
C SER A 491 -36.80 -26.41 -23.87
N SER A 492 -35.62 -26.46 -24.47
CA SER A 492 -34.40 -26.85 -23.77
C SER A 492 -33.82 -25.72 -22.91
N GLY A 493 -34.10 -24.48 -23.30
CA GLY A 493 -33.56 -23.31 -22.62
C GLY A 493 -32.21 -22.90 -23.16
N ASP A 494 -31.68 -23.71 -24.06
CA ASP A 494 -30.37 -23.48 -24.66
C ASP A 494 -30.48 -22.46 -25.81
N PRO A 495 -29.86 -21.28 -25.64
CA PRO A 495 -29.99 -20.19 -26.61
C PRO A 495 -29.38 -20.51 -27.97
N HIS A 496 -28.61 -21.58 -28.05
CA HIS A 496 -27.98 -21.98 -29.30
C HIS A 496 -28.93 -22.75 -30.21
N CYS A 497 -29.92 -23.40 -29.60
CA CYS A 497 -30.70 -24.42 -30.29
C CYS A 497 -31.98 -23.92 -30.96
N GLY A 498 -32.11 -24.25 -32.23
CA GLY A 498 -33.33 -24.04 -32.99
C GLY A 498 -33.57 -25.30 -33.82
N TRP A 499 -34.79 -25.47 -34.33
CA TRP A 499 -35.11 -26.70 -35.03
C TRP A 499 -35.02 -26.52 -36.54
N CYS A 500 -34.12 -27.28 -37.16
CA CYS A 500 -33.94 -27.20 -38.60
C CYS A 500 -35.04 -28.02 -39.27
N ALA A 501 -36.03 -27.32 -39.82
CA ALA A 501 -37.26 -27.93 -40.32
C ALA A 501 -37.05 -29.13 -41.24
N LEU A 502 -36.42 -28.89 -42.39
CA LEU A 502 -36.35 -29.91 -43.43
C LEU A 502 -35.32 -31.01 -43.16
N HIS A 503 -34.35 -30.75 -42.30
CA HIS A 503 -33.37 -31.78 -41.95
C HIS A 503 -33.76 -32.54 -40.69
N ASN A 504 -34.90 -32.17 -40.11
CA ASN A 504 -35.40 -32.81 -38.90
C ASN A 504 -34.33 -32.91 -37.80
N MET A 505 -33.70 -31.80 -37.45
CA MET A 505 -32.60 -31.83 -36.50
C MET A 505 -32.50 -30.55 -35.69
N CYS A 506 -32.01 -30.67 -34.46
CA CYS A 506 -31.80 -29.52 -33.60
C CYS A 506 -30.37 -29.02 -33.75
N SER A 507 -30.22 -27.75 -34.13
CA SER A 507 -28.88 -27.19 -34.37
C SER A 507 -28.81 -25.67 -34.22
N ARG A 508 -27.62 -25.12 -34.41
CA ARG A 508 -27.44 -23.67 -34.48
C ARG A 508 -28.00 -23.21 -35.81
N ARG A 509 -28.52 -21.98 -35.84
CA ARG A 509 -28.99 -21.39 -37.08
C ARG A 509 -27.94 -21.57 -38.19
N ASP A 510 -26.68 -21.32 -37.86
CA ASP A 510 -25.60 -21.40 -38.83
C ASP A 510 -25.28 -22.83 -39.28
N LYS A 511 -25.83 -23.82 -38.60
CA LYS A 511 -25.63 -25.22 -38.97
C LYS A 511 -26.80 -25.74 -39.81
N CYS A 512 -27.81 -24.89 -39.99
CA CYS A 512 -29.01 -25.29 -40.70
C CYS A 512 -29.04 -24.66 -42.08
N GLN A 513 -28.83 -25.46 -43.12
CA GLN A 513 -28.73 -24.93 -44.46
C GLN A 513 -30.01 -24.19 -44.86
N ARG A 514 -29.83 -23.04 -45.51
CA ARG A 514 -30.95 -22.22 -45.98
C ARG A 514 -31.84 -21.76 -44.83
N ALA A 515 -31.26 -21.61 -43.65
CA ALA A 515 -32.00 -21.16 -42.47
C ALA A 515 -32.65 -19.80 -42.68
N TRP A 516 -32.07 -19.01 -43.58
CA TRP A 516 -32.55 -17.66 -43.86
C TRP A 516 -33.77 -17.70 -44.78
N GLU A 517 -34.09 -18.88 -45.30
CA GLU A 517 -35.28 -19.04 -46.13
C GLU A 517 -36.52 -19.30 -45.29
N ALA A 518 -37.66 -18.81 -45.76
CA ALA A 518 -38.90 -18.84 -45.00
C ALA A 518 -39.17 -20.20 -44.37
N ASN A 519 -39.25 -20.21 -43.05
CA ASN A 519 -39.68 -21.39 -42.28
C ASN A 519 -38.72 -22.58 -42.30
N ARG A 520 -37.48 -22.35 -42.70
CA ARG A 520 -36.49 -23.42 -42.68
C ARG A 520 -35.93 -23.67 -41.29
N PHE A 521 -36.01 -22.65 -40.43
CA PHE A 521 -35.46 -22.72 -39.08
C PHE A 521 -36.45 -22.19 -38.05
N ALA A 522 -36.87 -23.04 -37.12
CA ALA A 522 -37.82 -22.64 -36.10
C ALA A 522 -37.11 -22.20 -34.81
N ALA A 523 -37.45 -21.00 -34.33
CA ALA A 523 -36.76 -20.42 -33.18
C ALA A 523 -37.62 -20.34 -31.93
N SER A 524 -38.87 -20.75 -32.03
CA SER A 524 -39.75 -20.83 -30.87
C SER A 524 -40.78 -21.94 -31.06
N ILE A 525 -41.06 -22.66 -29.99
CA ILE A 525 -41.94 -23.83 -30.02
C ILE A 525 -43.17 -23.65 -30.94
N SER A 526 -43.58 -22.40 -31.13
CA SER A 526 -44.74 -22.07 -31.96
C SER A 526 -44.56 -22.42 -33.44
N GLN A 527 -43.32 -22.35 -33.93
CA GLN A 527 -43.06 -22.53 -35.35
C GLN A 527 -42.90 -24.00 -35.76
N CYS A 528 -43.09 -24.92 -34.81
CA CYS A 528 -42.97 -26.33 -35.11
C CYS A 528 -44.07 -26.80 -36.05
N MET A 529 -43.69 -27.54 -37.09
CA MET A 529 -44.62 -28.00 -38.10
C MET A 529 -45.62 -29.02 -37.56
N SER A 530 -46.81 -29.04 -38.17
CA SER A 530 -47.80 -30.06 -37.87
C SER A 530 -48.39 -30.58 -39.17
N LEU A 531 -48.87 -31.81 -39.15
CA LEU A 531 -49.43 -32.43 -40.34
C LEU A 531 -50.90 -32.79 -40.15
N GLU A 532 -51.73 -32.42 -41.14
CA GLU A 532 -53.13 -32.78 -41.15
C GLU A 532 -53.43 -33.66 -42.35
N VAL A 533 -54.15 -34.76 -42.14
CA VAL A 533 -54.58 -35.62 -43.25
C VAL A 533 -56.08 -35.55 -43.45
N HIS A 534 -56.49 -35.59 -44.71
CA HIS A 534 -57.90 -35.53 -45.08
C HIS A 534 -58.18 -36.66 -46.06
N PRO A 535 -58.90 -37.70 -45.61
CA PRO A 535 -59.43 -37.84 -44.25
C PRO A 535 -58.44 -38.51 -43.29
N ASN A 536 -58.78 -38.52 -42.01
CA ASN A 536 -57.90 -39.04 -40.97
C ASN A 536 -57.84 -40.58 -40.91
N SER A 537 -58.85 -41.23 -41.48
CA SER A 537 -58.94 -42.68 -41.45
C SER A 537 -59.61 -43.26 -42.69
N ILE A 538 -59.28 -44.50 -43.03
CA ILE A 538 -59.94 -45.19 -44.12
C ILE A 538 -60.18 -46.66 -43.80
N SER A 539 -61.10 -47.29 -44.53
CA SER A 539 -61.39 -48.71 -44.35
C SER A 539 -60.36 -49.56 -45.08
N VAL A 540 -60.02 -50.72 -44.51
CA VAL A 540 -59.08 -51.63 -45.15
C VAL A 540 -59.58 -52.02 -46.55
N SER A 541 -60.89 -52.10 -46.70
CA SER A 541 -61.51 -52.43 -47.98
C SER A 541 -61.50 -51.24 -48.93
N ASP A 542 -61.00 -50.11 -48.44
CA ASP A 542 -60.91 -48.89 -49.24
C ASP A 542 -59.45 -48.54 -49.50
N HIS A 543 -58.75 -49.42 -50.23
CA HIS A 543 -57.33 -49.24 -50.48
C HIS A 543 -57.07 -48.24 -51.62
N SER A 544 -55.86 -47.69 -51.63
CA SER A 544 -55.41 -46.80 -52.70
C SER A 544 -56.28 -45.54 -52.85
N ARG A 545 -56.59 -44.90 -51.73
CA ARG A 545 -57.40 -43.69 -51.75
C ARG A 545 -56.54 -42.42 -51.73
N LEU A 546 -57.03 -41.36 -52.37
CA LEU A 546 -56.31 -40.09 -52.45
C LEU A 546 -56.52 -39.25 -51.19
N LEU A 547 -55.45 -39.08 -50.42
CA LEU A 547 -55.48 -38.23 -49.24
C LEU A 547 -54.94 -36.85 -49.58
N SER A 548 -55.51 -35.82 -48.97
CA SER A 548 -54.99 -34.48 -49.14
C SER A 548 -54.36 -34.00 -47.85
N LEU A 549 -53.08 -33.66 -47.93
CA LEU A 549 -52.30 -33.29 -46.75
C LEU A 549 -52.02 -31.79 -46.73
N VAL A 550 -51.93 -31.25 -45.52
CA VAL A 550 -51.58 -29.86 -45.32
C VAL A 550 -50.48 -29.77 -44.27
N VAL A 551 -49.41 -29.08 -44.60
CA VAL A 551 -48.33 -28.91 -43.65
C VAL A 551 -48.32 -27.49 -43.11
N ASN A 552 -48.65 -27.34 -41.83
CA ASN A 552 -48.66 -26.04 -41.19
C ASN A 552 -47.26 -25.54 -40.87
N ASP A 553 -47.00 -24.26 -41.14
CA ASP A 553 -45.72 -23.63 -40.85
C ASP A 553 -44.59 -24.16 -41.73
N ALA A 554 -44.96 -24.71 -42.88
CA ALA A 554 -44.02 -25.31 -43.81
C ALA A 554 -43.15 -24.29 -44.55
N PRO A 555 -41.92 -24.69 -44.87
CA PRO A 555 -41.10 -23.95 -45.84
C PRO A 555 -41.51 -24.40 -47.24
N ASN A 556 -40.76 -23.98 -48.27
CA ASN A 556 -41.04 -24.47 -49.61
C ASN A 556 -40.92 -25.99 -49.69
N LEU A 557 -41.90 -26.62 -50.33
CA LEU A 557 -41.89 -28.07 -50.50
C LEU A 557 -41.83 -28.44 -51.97
N SER A 558 -41.86 -27.42 -52.83
CA SER A 558 -41.91 -27.63 -54.29
C SER A 558 -40.77 -28.50 -54.79
N GLU A 559 -39.72 -28.63 -53.99
CA GLU A 559 -38.58 -29.46 -54.37
C GLU A 559 -38.96 -30.94 -54.38
N GLY A 560 -40.11 -31.27 -53.80
CA GLY A 560 -40.60 -32.63 -53.82
C GLY A 560 -40.88 -33.25 -52.46
N ILE A 561 -41.86 -34.14 -52.43
CA ILE A 561 -42.33 -34.75 -51.18
C ILE A 561 -42.70 -36.21 -51.42
N ALA A 562 -42.16 -37.12 -50.62
CA ALA A 562 -42.57 -38.51 -50.66
C ALA A 562 -43.39 -38.82 -49.42
N CYS A 563 -44.29 -39.80 -49.53
CA CYS A 563 -45.15 -40.17 -48.42
C CYS A 563 -44.85 -41.58 -47.93
N ALA A 564 -44.48 -41.69 -46.66
CA ALA A 564 -44.23 -43.00 -46.07
C ALA A 564 -45.33 -43.38 -45.09
N PHE A 565 -46.10 -44.40 -45.45
CA PHE A 565 -47.06 -45.00 -44.53
C PHE A 565 -46.31 -46.03 -43.69
N GLY A 566 -45.83 -45.58 -42.52
CA GLY A 566 -45.03 -46.42 -41.65
C GLY A 566 -43.93 -47.13 -42.42
N ASN A 567 -43.78 -48.39 -42.10
CA ASN A 567 -42.79 -49.23 -42.75
C ASN A 567 -43.30 -49.86 -44.05
N LEU A 568 -44.57 -49.63 -44.34
CA LEU A 568 -45.27 -50.30 -45.43
C LEU A 568 -44.85 -49.82 -46.82
N THR A 569 -45.39 -48.67 -47.23
CA THR A 569 -45.08 -48.14 -48.56
C THR A 569 -44.44 -46.76 -48.50
N GLU A 570 -43.89 -46.33 -49.62
CA GLU A 570 -43.47 -44.94 -49.79
C GLU A 570 -43.71 -44.51 -51.23
N VAL A 571 -44.63 -43.58 -51.41
CA VAL A 571 -45.00 -43.11 -52.74
C VAL A 571 -44.65 -41.64 -52.93
N GLU A 572 -44.50 -41.24 -54.19
CA GLU A 572 -44.26 -39.84 -54.50
C GLU A 572 -45.55 -39.07 -54.31
N GLY A 573 -45.47 -37.93 -53.62
CA GLY A 573 -46.63 -37.10 -53.39
C GLY A 573 -46.75 -35.95 -54.37
N GLN A 574 -47.93 -35.37 -54.45
CA GLN A 574 -48.20 -34.26 -55.36
C GLN A 574 -48.13 -32.94 -54.61
N VAL A 575 -47.22 -32.06 -55.02
CA VAL A 575 -46.98 -30.83 -54.27
C VAL A 575 -47.58 -29.57 -54.92
N SER A 576 -48.24 -28.76 -54.08
CA SER A 576 -48.72 -27.45 -54.47
C SER A 576 -48.72 -26.55 -53.23
N GLY A 577 -47.76 -25.64 -53.15
CA GLY A 577 -47.61 -24.82 -51.97
C GLY A 577 -47.24 -25.69 -50.78
N SER A 578 -48.12 -25.75 -49.79
CA SER A 578 -47.89 -26.58 -48.61
C SER A 578 -48.86 -27.75 -48.55
N GLN A 579 -49.47 -28.05 -49.69
CA GLN A 579 -50.40 -29.17 -49.81
C GLN A 579 -49.73 -30.34 -50.51
N VAL A 580 -49.99 -31.54 -50.02
CA VAL A 580 -49.43 -32.74 -50.63
C VAL A 580 -50.51 -33.80 -50.81
N ILE A 581 -50.66 -34.29 -52.04
CA ILE A 581 -51.59 -35.36 -52.35
C ILE A 581 -50.85 -36.69 -52.42
N CYS A 582 -51.36 -37.71 -51.73
CA CYS A 582 -50.73 -39.02 -51.75
C CYS A 582 -51.74 -40.15 -51.79
N ILE A 583 -51.35 -41.27 -52.40
CA ILE A 583 -52.25 -42.39 -52.57
C ILE A 583 -52.00 -43.47 -51.51
N SER A 584 -53.06 -43.84 -50.81
CA SER A 584 -53.03 -44.95 -49.85
C SER A 584 -52.38 -46.19 -50.47
N PRO A 585 -51.81 -47.06 -49.62
CA PRO A 585 -51.19 -48.30 -50.09
C PRO A 585 -52.21 -49.24 -50.75
N GLY A 586 -51.75 -50.03 -51.71
CA GLY A 586 -52.62 -50.97 -52.40
C GLY A 586 -53.09 -52.11 -51.51
N PRO A 587 -53.93 -53.00 -52.05
CA PRO A 587 -54.54 -54.12 -51.32
C PRO A 587 -53.52 -55.05 -50.70
N LYS A 588 -52.40 -55.26 -51.38
CA LYS A 588 -51.37 -56.18 -50.89
C LYS A 588 -50.48 -55.52 -49.85
N ASP A 589 -50.87 -54.31 -49.43
CA ASP A 589 -50.09 -53.57 -48.45
C ASP A 589 -50.92 -53.10 -47.25
N VAL A 590 -52.24 -53.16 -47.38
CA VAL A 590 -53.12 -52.77 -46.29
C VAL A 590 -52.88 -53.64 -45.06
N PRO A 591 -52.44 -53.02 -43.96
CA PRO A 591 -51.99 -53.68 -42.72
C PRO A 591 -52.98 -54.71 -42.19
N VAL A 592 -52.52 -55.52 -41.24
CA VAL A 592 -53.35 -56.57 -40.66
C VAL A 592 -53.82 -56.20 -39.25
N ILE A 593 -55.11 -55.87 -39.14
CA ILE A 593 -55.72 -55.48 -37.87
C ILE A 593 -55.48 -56.53 -36.78
N PRO A 594 -55.20 -56.07 -35.54
CA PRO A 594 -55.02 -56.97 -34.40
C PRO A 594 -56.12 -58.02 -34.31
N GLN A 597 -58.56 -56.16 -31.67
CA GLN A 597 -58.91 -54.77 -31.93
C GLN A 597 -59.58 -54.64 -33.29
N ASP A 598 -60.19 -53.48 -33.53
CA ASP A 598 -60.90 -53.22 -34.78
C ASP A 598 -60.13 -52.25 -35.67
N TRP A 599 -59.07 -51.68 -35.13
CA TRP A 599 -58.30 -50.65 -35.83
C TRP A 599 -56.80 -50.85 -35.66
N PHE A 600 -56.04 -50.48 -36.69
CA PHE A 600 -54.58 -50.56 -36.63
C PHE A 600 -53.98 -49.17 -36.86
N GLY A 601 -53.31 -48.64 -35.84
CA GLY A 601 -52.70 -47.32 -35.92
C GLY A 601 -51.37 -47.34 -36.68
N LEU A 602 -50.99 -46.17 -37.19
CA LEU A 602 -49.76 -46.07 -37.99
C LEU A 602 -49.23 -44.63 -37.96
N GLU A 603 -48.11 -44.40 -38.63
CA GLU A 603 -47.52 -43.07 -38.69
C GLU A 603 -47.24 -42.64 -40.13
N LEU A 604 -48.07 -41.72 -40.63
CA LEU A 604 -47.88 -41.17 -41.97
C LEU A 604 -46.85 -40.05 -41.94
N GLN A 605 -45.74 -40.26 -42.64
CA GLN A 605 -44.60 -39.36 -42.59
C GLN A 605 -44.32 -38.75 -43.96
N LEU A 606 -43.89 -37.50 -43.99
CA LEU A 606 -43.49 -36.89 -45.24
C LEU A 606 -41.96 -36.87 -45.33
N ARG A 607 -41.44 -37.16 -46.52
CA ARG A 607 -40.00 -37.05 -46.74
C ARG A 607 -39.68 -35.89 -47.68
N SER A 608 -38.67 -35.10 -47.31
CA SER A 608 -38.24 -34.00 -48.17
C SER A 608 -37.30 -34.51 -49.23
N LYS A 609 -37.63 -34.27 -50.50
CA LYS A 609 -36.75 -34.66 -51.60
C LYS A 609 -35.54 -33.73 -51.65
N GLU A 610 -35.68 -32.54 -51.09
CA GLU A 610 -34.58 -31.58 -51.08
C GLU A 610 -33.47 -32.03 -50.12
N THR A 611 -33.84 -32.77 -49.09
CA THR A 611 -32.87 -33.13 -48.05
C THR A 611 -32.78 -34.64 -47.83
N GLY A 612 -33.81 -35.37 -48.26
CA GLY A 612 -33.84 -36.81 -48.10
C GLY A 612 -34.34 -37.24 -46.73
N LYS A 613 -34.64 -36.28 -45.87
CA LYS A 613 -35.02 -36.56 -44.49
C LYS A 613 -36.52 -36.56 -44.26
N ILE A 614 -37.00 -37.53 -43.48
CA ILE A 614 -38.36 -37.50 -42.97
C ILE A 614 -38.44 -36.37 -41.94
N PHE A 615 -39.40 -35.46 -42.10
CA PHE A 615 -39.40 -34.24 -41.29
C PHE A 615 -40.71 -33.93 -40.57
N VAL A 616 -41.78 -34.65 -40.90
CA VAL A 616 -43.03 -34.50 -40.16
C VAL A 616 -43.82 -35.80 -40.22
N SER A 617 -44.74 -35.98 -39.29
CA SER A 617 -45.65 -37.11 -39.32
C SER A 617 -46.89 -36.83 -38.49
N THR A 618 -47.98 -37.54 -38.79
CA THR A 618 -49.22 -37.45 -38.04
C THR A 618 -49.87 -38.83 -38.04
N GLU A 619 -50.66 -39.12 -37.01
CA GLU A 619 -51.24 -40.45 -36.89
C GLU A 619 -52.28 -40.72 -37.98
N PHE A 620 -52.25 -41.94 -38.53
CA PHE A 620 -53.20 -42.34 -39.55
C PHE A 620 -53.78 -43.73 -39.27
N LYS A 621 -55.10 -43.84 -39.30
CA LYS A 621 -55.79 -45.05 -38.85
C LYS A 621 -56.44 -45.87 -39.98
N PHE A 622 -56.35 -47.20 -39.83
CA PHE A 622 -57.05 -48.15 -40.69
C PHE A 622 -58.11 -48.87 -39.86
N TYR A 623 -59.25 -49.19 -40.47
CA TYR A 623 -60.30 -49.92 -39.77
C TYR A 623 -60.98 -50.99 -40.60
N ASN A 624 -61.75 -51.84 -39.92
CA ASN A 624 -62.45 -52.96 -40.55
C ASN A 624 -63.84 -53.14 -39.97
N CYS A 625 -64.83 -52.46 -40.57
CA CYS A 625 -66.20 -52.55 -40.09
C CYS A 625 -66.84 -53.92 -40.39
N SER A 626 -66.15 -54.98 -39.97
CA SER A 626 -66.62 -56.34 -40.17
C SER A 626 -66.01 -57.26 -39.11
N PHE B 5 4.40 12.34 46.86
CA PHE B 5 4.96 12.97 45.67
C PHE B 5 5.50 14.36 45.98
N PRO B 6 6.77 14.62 45.60
CA PRO B 6 7.52 15.83 45.97
C PRO B 6 6.84 17.11 45.52
N GLU B 7 6.82 18.11 46.40
CA GLU B 7 6.22 19.40 46.09
C GLU B 7 7.18 20.30 45.31
N ASP B 8 6.61 21.28 44.61
CA ASP B 8 7.40 22.26 43.85
C ASP B 8 8.08 23.25 44.79
N SER B 9 9.40 23.34 44.71
CA SER B 9 10.12 24.35 45.47
C SER B 9 9.78 25.76 44.98
N GLU B 10 10.07 26.75 45.82
CA GLU B 10 9.86 28.16 45.46
C GLU B 10 11.15 28.76 44.91
N PRO B 11 11.03 29.66 43.93
CA PRO B 11 12.21 30.35 43.41
C PRO B 11 12.68 31.40 44.41
N ILE B 12 13.96 31.70 44.41
CA ILE B 12 14.48 32.76 45.28
C ILE B 12 13.99 34.15 44.81
N SER B 13 13.99 34.37 43.49
CA SER B 13 13.59 35.65 42.92
C SER B 13 12.56 35.47 41.80
N ILE B 14 11.69 36.46 41.63
CA ILE B 14 10.68 36.44 40.58
C ILE B 14 10.68 37.75 39.79
N SER B 15 11.00 37.67 38.51
CA SER B 15 11.01 38.83 37.62
C SER B 15 9.72 38.93 36.79
N HIS B 16 8.83 39.83 37.19
CA HIS B 16 7.56 40.01 36.50
C HIS B 16 7.73 40.82 35.21
N GLY B 17 6.72 40.72 34.33
CA GLY B 17 6.71 41.48 33.09
C GLY B 17 7.01 42.94 33.31
N ASN B 18 6.57 43.46 34.46
CA ASN B 18 6.91 44.82 34.89
C ASN B 18 8.37 45.14 34.61
N TYR B 19 9.25 44.26 35.07
CA TYR B 19 10.68 44.46 34.97
C TYR B 19 11.24 44.14 33.58
N THR B 20 10.94 42.94 33.10
CA THR B 20 11.61 42.40 31.92
C THR B 20 11.26 43.09 30.59
N LYS B 21 10.22 43.91 30.57
CA LYS B 21 9.84 44.60 29.34
C LYS B 21 10.94 45.54 28.85
N GLN B 22 11.96 45.75 29.68
CA GLN B 22 13.09 46.60 29.30
C GLN B 22 14.19 45.85 28.53
N TYR B 23 14.06 44.52 28.42
CA TYR B 23 15.02 43.75 27.64
C TYR B 23 14.84 44.02 26.14
N PRO B 24 15.98 44.21 25.44
CA PRO B 24 15.97 44.50 24.00
C PRO B 24 15.25 43.41 23.20
N VAL B 25 14.47 43.80 22.20
CA VAL B 25 13.72 42.84 21.39
C VAL B 25 14.01 43.01 19.91
N PHE B 26 14.14 41.88 19.22
CA PHE B 26 14.26 41.88 17.76
C PHE B 26 12.90 41.60 17.14
N VAL B 27 12.48 42.45 16.22
CA VAL B 27 11.25 42.20 15.47
C VAL B 27 11.44 42.44 13.98
N GLY B 28 12.69 42.38 13.53
CA GLY B 28 12.96 42.43 12.10
C GLY B 28 13.10 43.82 11.49
N HIS B 29 13.30 44.84 12.32
CA HIS B 29 13.50 46.20 11.80
C HIS B 29 14.96 46.50 11.53
N LYS B 30 15.24 47.21 10.45
CA LYS B 30 16.57 47.80 10.27
C LYS B 30 16.63 49.13 11.01
N PRO B 31 17.85 49.61 11.28
CA PRO B 31 17.98 50.88 12.02
C PRO B 31 17.29 52.02 11.28
N GLY B 32 16.66 52.92 12.02
CA GLY B 32 15.92 54.02 11.41
C GLY B 32 14.52 54.11 11.97
N ARG B 33 13.86 52.97 12.09
CA ARG B 33 12.53 52.90 12.68
C ARG B 33 12.44 51.79 13.74
N THR B 36 4.86 51.41 8.16
CA THR B 36 5.66 50.95 9.30
C THR B 36 4.88 49.96 10.15
N GLN B 37 3.79 49.44 9.59
CA GLN B 37 2.95 48.47 10.30
C GLN B 37 3.60 47.08 10.27
N ARG B 38 3.62 46.43 11.42
CA ARG B 38 4.28 45.14 11.57
C ARG B 38 3.46 43.96 11.05
N HIS B 39 4.13 43.04 10.37
CA HIS B 39 3.51 41.77 9.93
C HIS B 39 4.21 40.59 10.61
N ARG B 40 3.43 39.60 11.00
CA ARG B 40 3.97 38.46 11.75
C ARG B 40 5.22 37.87 11.09
N LEU B 41 6.24 37.55 11.88
CA LEU B 41 7.51 37.08 11.32
C LEU B 41 7.50 35.59 11.04
N ASP B 42 6.69 34.84 11.77
CA ASP B 42 6.68 33.37 11.69
C ASP B 42 8.08 32.79 11.86
N ILE B 43 8.71 33.15 12.96
CA ILE B 43 10.04 32.64 13.28
C ILE B 43 9.99 31.13 13.53
N GLN B 44 10.95 30.40 12.98
CA GLN B 44 11.00 28.95 13.12
C GLN B 44 12.04 28.49 14.13
N MET B 45 13.22 29.11 14.09
CA MET B 45 14.31 28.69 14.94
C MET B 45 15.38 29.77 14.97
N ILE B 46 16.26 29.69 15.96
CA ILE B 46 17.42 30.57 16.01
C ILE B 46 18.70 29.78 16.25
N MET B 47 19.80 30.27 15.72
CA MET B 47 21.08 29.67 16.00
C MET B 47 22.18 30.69 15.92
N ILE B 48 23.15 30.58 16.83
CA ILE B 48 24.32 31.42 16.80
C ILE B 48 25.45 30.63 16.16
N MET B 49 26.11 31.21 15.18
CA MET B 49 27.32 30.61 14.66
C MET B 49 28.32 31.71 14.40
N ASN B 50 29.58 31.44 14.77
CA ASN B 50 30.58 32.49 14.81
C ASN B 50 30.06 33.52 15.81
N ARG B 51 29.87 34.76 15.36
CA ARG B 51 29.39 35.80 16.25
C ARG B 51 28.07 36.40 15.73
N THR B 52 27.39 35.62 14.89
CA THR B 52 26.14 36.07 14.29
C THR B 52 24.96 35.26 14.79
N LEU B 53 23.88 35.93 15.15
CA LEU B 53 22.62 35.25 15.50
C LEU B 53 21.75 35.14 14.26
N TYR B 54 21.44 33.90 13.86
CA TYR B 54 20.59 33.65 12.70
C TYR B 54 19.16 33.36 13.15
N VAL B 55 18.22 34.04 12.50
CA VAL B 55 16.81 33.87 12.82
C VAL B 55 16.10 33.35 11.58
N ALA B 56 15.82 32.05 11.57
CA ALA B 56 15.13 31.38 10.48
C ALA B 56 13.63 31.61 10.58
N ALA B 57 13.01 32.02 9.47
CA ALA B 57 11.59 32.33 9.49
C ALA B 57 10.91 32.01 8.16
N ARG B 58 9.69 32.53 8.01
CA ARG B 58 9.02 32.44 6.73
C ARG B 58 9.76 33.31 5.73
N ASP B 59 10.08 32.75 4.55
CA ASP B 59 10.60 33.53 3.44
C ASP B 59 12.00 34.13 3.65
N HIS B 60 12.48 34.11 4.89
CA HIS B 60 13.72 34.82 5.22
C HIS B 60 14.58 34.14 6.28
N ILE B 61 15.86 34.46 6.24
CA ILE B 61 16.70 34.31 7.41
C ILE B 61 17.25 35.68 7.76
N TYR B 62 17.01 36.13 8.98
CA TYR B 62 17.51 37.41 9.47
C TYR B 62 18.79 37.17 10.24
N THR B 63 19.77 38.05 10.07
CA THR B 63 21.01 37.97 10.85
C THR B 63 21.12 39.14 11.81
N VAL B 64 21.59 38.85 13.03
CA VAL B 64 21.81 39.88 14.03
C VAL B 64 23.26 39.90 14.49
N ASP B 65 23.85 41.09 14.50
CA ASP B 65 25.23 41.25 14.93
C ASP B 65 25.27 41.29 16.46
N ILE B 66 25.46 40.12 17.06
CA ILE B 66 25.41 39.96 18.51
C ILE B 66 26.28 40.95 19.26
N ASP B 67 27.51 41.14 18.81
CA ASP B 67 28.49 41.92 19.56
C ASP B 67 28.28 43.44 19.55
N THR B 68 27.66 43.96 18.49
CA THR B 68 27.41 45.41 18.40
C THR B 68 25.96 45.78 18.67
N SER B 69 25.21 44.88 19.27
CA SER B 69 23.83 45.20 19.65
C SER B 69 23.83 45.87 21.02
N HIS B 70 23.46 47.16 21.04
CA HIS B 70 23.53 47.94 22.27
C HIS B 70 22.38 48.94 22.45
N THR B 71 21.19 48.58 21.99
CA THR B 71 20.02 49.46 22.18
C THR B 71 18.75 48.71 22.57
N GLU B 72 17.70 49.49 22.87
CA GLU B 72 16.41 48.93 23.27
C GLU B 72 15.82 47.99 22.21
N GLU B 73 16.14 48.25 20.96
CA GLU B 73 15.68 47.39 19.89
C GLU B 73 16.86 46.72 19.23
N ILE B 74 16.74 45.43 18.98
CA ILE B 74 17.77 44.68 18.30
C ILE B 74 17.48 44.80 16.82
N TYR B 75 18.47 45.22 16.04
CA TYR B 75 18.23 45.50 14.63
C TYR B 75 18.75 44.39 13.74
N CYS B 76 18.20 44.34 12.53
CA CYS B 76 18.62 43.40 11.52
C CYS B 76 19.87 43.92 10.82
N SER B 77 20.85 43.04 10.64
CA SER B 77 22.08 43.40 9.91
C SER B 77 21.96 43.08 8.43
N LYS B 78 21.51 41.85 8.15
CA LYS B 78 21.40 41.35 6.78
C LYS B 78 20.21 40.40 6.70
N LYS B 79 19.73 40.16 5.49
CA LYS B 79 18.52 39.37 5.32
C LYS B 79 18.61 38.48 4.08
N LEU B 80 18.45 37.19 4.30
CA LEU B 80 18.32 36.22 3.21
C LEU B 80 16.85 36.14 2.80
N THR B 81 16.58 36.15 1.49
CA THR B 81 15.20 36.06 1.04
C THR B 81 14.97 34.90 0.09
N TRP B 82 14.07 34.01 0.48
CA TRP B 82 13.74 32.84 -0.32
C TRP B 82 12.24 32.56 -0.27
N LYS B 83 11.54 33.00 -1.30
CA LYS B 83 10.09 32.83 -1.39
C LYS B 83 9.77 31.72 -2.38
N SER B 84 8.64 31.04 -2.14
CA SER B 84 8.22 29.96 -3.02
C SER B 84 7.73 30.53 -4.34
N ARG B 85 7.99 29.82 -5.43
CA ARG B 85 7.38 30.16 -6.70
C ARG B 85 5.86 30.00 -6.59
N GLN B 86 5.13 30.82 -7.35
CA GLN B 86 3.67 30.79 -7.35
C GLN B 86 3.11 29.41 -7.68
N ALA B 87 3.74 28.73 -8.64
CA ALA B 87 3.28 27.40 -9.03
C ALA B 87 3.25 26.46 -7.82
N ASP B 88 4.27 26.52 -6.98
CA ASP B 88 4.33 25.66 -5.79
C ASP B 88 3.24 26.03 -4.78
N VAL B 89 3.02 27.32 -4.62
CA VAL B 89 1.95 27.82 -3.78
C VAL B 89 0.58 27.30 -4.26
N ASP B 90 0.37 27.37 -5.58
CA ASP B 90 -0.89 26.93 -6.18
C ASP B 90 -1.12 25.45 -5.93
N THR B 91 -0.12 24.64 -6.23
CA THR B 91 -0.17 23.21 -5.98
C THR B 91 -0.53 22.93 -4.51
N CYS B 92 0.12 23.67 -3.62
CA CYS B 92 -0.12 23.52 -2.18
C CYS B 92 -1.59 23.81 -1.77
N ARG B 93 -2.13 24.92 -2.28
CA ARG B 93 -3.53 25.30 -2.02
C ARG B 93 -4.48 24.28 -2.62
N MET B 94 -4.17 23.85 -3.84
CA MET B 94 -4.99 22.90 -4.55
C MET B 94 -5.15 21.60 -3.76
N LYS B 95 -4.14 21.27 -2.98
CA LYS B 95 -4.17 20.04 -2.19
C LYS B 95 -4.84 20.23 -0.85
N GLY B 96 -5.41 21.41 -0.63
CA GLY B 96 -6.23 21.65 0.55
C GLY B 96 -5.55 22.26 1.76
N LYS B 97 -4.28 22.63 1.63
CA LYS B 97 -3.57 23.30 2.71
C LYS B 97 -4.00 24.77 2.79
N HIS B 98 -4.04 25.30 4.00
CA HIS B 98 -4.46 26.67 4.20
C HIS B 98 -3.42 27.62 3.60
N LYS B 99 -3.88 28.77 3.13
CA LYS B 99 -3.06 29.81 2.52
C LYS B 99 -1.83 30.21 3.36
N ASP B 100 -2.01 30.25 4.68
CA ASP B 100 -0.94 30.66 5.58
C ASP B 100 0.18 29.62 5.66
N GLU B 101 -0.16 28.37 5.34
CA GLU B 101 0.78 27.25 5.39
C GLU B 101 1.58 27.15 4.11
N CYS B 102 1.01 27.64 3.03
CA CYS B 102 1.62 27.47 1.71
C CYS B 102 2.63 28.58 1.40
N HIS B 103 3.72 28.59 2.19
CA HIS B 103 4.85 29.49 2.00
C HIS B 103 6.13 28.73 2.28
N ASN B 104 7.26 29.37 2.01
CA ASN B 104 8.55 28.76 2.29
C ASN B 104 9.01 29.04 3.74
N PHE B 105 8.82 28.08 4.64
CA PHE B 105 9.29 28.22 6.02
C PHE B 105 10.67 27.59 6.17
N ILE B 106 11.66 28.35 6.62
CA ILE B 106 13.01 27.80 6.76
C ILE B 106 13.08 26.90 7.99
N LYS B 107 13.37 25.62 7.80
CA LYS B 107 13.37 24.65 8.91
C LYS B 107 14.74 23.97 9.12
N VAL B 108 15.66 24.20 8.19
CA VAL B 108 17.02 23.69 8.31
C VAL B 108 18.01 24.81 8.01
N LEU B 109 18.92 25.04 8.95
CA LEU B 109 19.99 26.00 8.73
C LEU B 109 21.27 25.49 9.40
N LEU B 110 22.28 25.20 8.58
CA LEU B 110 23.49 24.58 9.11
C LEU B 110 24.74 25.12 8.45
N LYS B 111 25.80 25.25 9.24
CA LYS B 111 27.11 25.59 8.71
C LYS B 111 27.65 24.36 7.99
N LYS B 112 27.80 24.46 6.67
CA LYS B 112 28.34 23.35 5.89
C LYS B 112 29.86 23.41 5.95
N ASN B 113 30.39 24.62 5.80
CA ASN B 113 31.80 24.89 6.01
C ASN B 113 31.97 26.38 6.31
N ASP B 114 33.20 26.85 6.39
CA ASP B 114 33.45 28.22 6.84
C ASP B 114 32.85 29.29 5.92
N ASP B 115 32.49 28.91 4.70
CA ASP B 115 31.95 29.87 3.74
C ASP B 115 30.53 29.55 3.28
N THR B 116 29.94 28.49 3.81
CA THR B 116 28.70 28.01 3.21
C THR B 116 27.62 27.61 4.21
N LEU B 117 26.43 28.18 4.03
CA LEU B 117 25.26 27.78 4.78
C LEU B 117 24.42 26.79 3.97
N PHE B 118 24.06 25.68 4.61
CA PHE B 118 23.11 24.72 4.05
C PHE B 118 21.71 25.07 4.56
N VAL B 119 20.80 25.37 3.64
CA VAL B 119 19.49 25.87 4.00
C VAL B 119 18.36 25.08 3.33
N CYS B 120 17.38 24.64 4.11
CA CYS B 120 16.21 23.97 3.56
C CYS B 120 14.93 24.64 4.04
N GLY B 121 13.92 24.67 3.18
CA GLY B 121 12.65 25.29 3.49
C GLY B 121 11.50 24.39 3.09
N THR B 122 10.39 24.48 3.80
CA THR B 122 9.22 23.67 3.48
C THR B 122 8.68 23.98 2.08
N ASN B 123 8.91 25.20 1.61
CA ASN B 123 8.61 25.57 0.22
C ASN B 123 7.18 25.22 -0.22
N ALA B 124 6.21 25.56 0.61
CA ALA B 124 4.80 25.27 0.33
C ALA B 124 4.55 23.78 0.11
N PHE B 125 4.97 22.98 1.09
CA PHE B 125 4.76 21.54 1.03
C PHE B 125 5.44 20.93 -0.19
N ASN B 126 6.69 21.31 -0.39
CA ASN B 126 7.53 20.77 -1.46
C ASN B 126 8.98 21.01 -1.06
N PRO B 127 9.41 20.36 0.03
CA PRO B 127 10.69 20.61 0.70
C PRO B 127 11.85 20.73 -0.29
N SER B 128 12.66 21.76 -0.10
CA SER B 128 13.74 22.06 -1.03
C SER B 128 14.98 22.60 -0.30
N CYS B 129 16.17 22.34 -0.85
CA CYS B 129 17.42 22.67 -0.17
C CYS B 129 18.36 23.46 -1.08
N ARG B 130 19.14 24.35 -0.49
CA ARG B 130 20.04 25.21 -1.23
C ARG B 130 21.30 25.56 -0.45
N ASN B 131 22.35 25.91 -1.18
CA ASN B 131 23.59 26.38 -0.59
C ASN B 131 23.69 27.90 -0.67
N TYR B 132 24.19 28.53 0.38
CA TYR B 132 24.34 29.99 0.41
C TYR B 132 25.74 30.39 0.83
N ARG B 133 26.24 31.46 0.21
CA ARG B 133 27.50 32.06 0.64
C ARG B 133 27.25 32.73 1.99
N VAL B 134 28.07 32.42 2.99
CA VAL B 134 27.93 33.02 4.31
C VAL B 134 28.07 34.54 4.29
N ASP B 135 29.06 35.04 3.55
CA ASP B 135 29.34 36.46 3.54
C ASP B 135 28.22 37.30 2.91
N THR B 136 27.74 36.89 1.73
CA THR B 136 26.77 37.69 0.98
C THR B 136 25.34 37.22 1.18
N LEU B 137 25.16 36.07 1.80
CA LEU B 137 23.83 35.49 1.98
C LEU B 137 23.11 35.31 0.64
N GLU B 138 23.88 35.12 -0.42
CA GLU B 138 23.31 34.80 -1.73
C GLU B 138 23.52 33.33 -2.04
N THR B 139 22.55 32.73 -2.74
CA THR B 139 22.66 31.33 -3.11
C THR B 139 23.61 31.17 -4.27
N PHE B 140 24.27 30.02 -4.34
CA PHE B 140 25.10 29.67 -5.48
C PHE B 140 24.87 28.20 -5.81
N GLY B 141 24.90 27.88 -7.10
CA GLY B 141 24.59 26.53 -7.53
C GLY B 141 23.09 26.36 -7.60
N ASP B 142 22.65 25.13 -7.86
CA ASP B 142 21.23 24.87 -8.07
C ASP B 142 20.49 24.42 -6.81
N GLU B 143 19.20 24.73 -6.79
CA GLU B 143 18.27 24.22 -5.79
C GLU B 143 18.23 22.70 -5.94
N PHE B 144 18.02 21.97 -4.84
CA PHE B 144 17.92 20.50 -4.90
C PHE B 144 16.94 19.93 -3.86
N SER B 145 16.62 18.66 -3.98
CA SER B 145 15.53 18.08 -3.19
C SER B 145 15.73 18.18 -1.68
N GLY B 146 14.64 18.48 -0.98
CA GLY B 146 14.65 18.50 0.46
C GLY B 146 13.91 17.31 1.02
N MET B 147 13.52 16.41 0.12
CA MET B 147 12.80 15.20 0.53
C MET B 147 13.60 14.39 1.54
N ALA B 148 12.99 14.05 2.68
CA ALA B 148 13.68 13.33 3.75
C ALA B 148 14.71 14.18 4.52
N ARG B 149 14.92 15.41 4.08
CA ARG B 149 15.89 16.32 4.71
C ARG B 149 15.20 17.46 5.46
N CYS B 150 14.06 17.87 4.95
CA CYS B 150 13.30 18.99 5.47
C CYS B 150 11.82 18.62 5.45
N PRO B 151 11.06 19.00 6.50
CA PRO B 151 9.63 18.66 6.55
C PRO B 151 8.82 19.45 5.53
N TYR B 152 7.60 19.00 5.26
CA TYR B 152 6.69 19.72 4.37
C TYR B 152 5.98 20.81 5.17
N ASP B 153 5.76 20.51 6.45
CA ASP B 153 4.85 21.27 7.31
C ASP B 153 5.66 22.00 8.38
N ALA B 154 5.59 23.32 8.38
CA ALA B 154 6.39 24.13 9.30
C ALA B 154 6.13 23.80 10.76
N LYS B 155 4.96 23.24 11.05
CA LYS B 155 4.62 22.88 12.44
C LYS B 155 5.29 21.59 12.91
N HIS B 156 5.81 20.80 11.97
CA HIS B 156 6.42 19.51 12.35
C HIS B 156 7.83 19.70 12.92
N ALA B 157 8.19 18.85 13.87
CA ALA B 157 9.54 18.86 14.44
C ALA B 157 10.48 18.06 13.54
N ASN B 158 11.72 18.52 13.44
CA ASN B 158 12.71 17.84 12.60
C ASN B 158 14.13 18.01 13.12
N ILE B 159 14.98 17.08 12.70
CA ILE B 159 16.37 17.06 13.09
C ILE B 159 17.19 17.19 11.80
N ALA B 160 18.27 17.97 11.85
CA ALA B 160 19.24 18.02 10.77
C ALA B 160 20.61 18.32 11.38
N LEU B 161 21.64 17.63 10.89
CA LEU B 161 22.98 17.69 11.48
C LEU B 161 24.02 17.19 10.51
N PHE B 162 25.10 17.95 10.36
CA PHE B 162 26.25 17.51 9.58
C PHE B 162 27.29 16.82 10.47
N ALA B 163 27.87 15.74 9.96
CA ALA B 163 29.02 15.12 10.62
C ALA B 163 29.95 14.55 9.56
N ASP B 164 31.19 15.03 9.55
CA ASP B 164 32.16 14.65 8.53
C ASP B 164 31.62 14.80 7.11
N GLY B 165 30.88 15.88 6.88
CA GLY B 165 30.36 16.18 5.56
C GLY B 165 29.04 15.50 5.23
N LYS B 166 28.66 14.52 6.06
CA LYS B 166 27.41 13.80 5.83
C LYS B 166 26.26 14.45 6.58
N LEU B 167 25.10 14.51 5.92
CA LEU B 167 23.91 15.09 6.51
C LEU B 167 23.03 14.03 7.15
N TYR B 168 22.85 14.14 8.46
CA TYR B 168 21.93 13.28 9.18
C TYR B 168 20.64 14.05 9.36
N SER B 169 19.51 13.43 9.00
CA SER B 169 18.23 14.11 9.11
C SER B 169 17.11 13.16 9.53
N ALA B 170 16.12 13.71 10.22
CA ALA B 170 14.97 12.95 10.64
C ALA B 170 13.73 13.79 10.37
N THR B 171 12.78 13.24 9.60
CA THR B 171 11.58 13.97 9.24
C THR B 171 10.66 13.01 8.51
N VAL B 172 9.70 13.51 7.74
CA VAL B 172 8.87 12.64 6.92
C VAL B 172 9.19 12.86 5.44
N THR B 173 9.02 11.83 4.63
CA THR B 173 9.40 11.91 3.22
C THR B 173 8.23 12.33 2.34
N ASP B 174 7.03 12.25 2.89
CA ASP B 174 5.82 12.34 2.08
C ASP B 174 4.84 13.43 2.55
N PHE B 175 4.14 14.03 1.59
CA PHE B 175 3.13 15.07 1.86
C PHE B 175 2.22 14.68 3.03
N LEU B 176 1.75 13.44 3.03
CA LEU B 176 0.83 12.97 4.08
C LEU B 176 1.52 12.67 5.42
N ALA B 177 2.84 12.76 5.45
CA ALA B 177 3.62 12.54 6.69
C ALA B 177 3.37 11.17 7.33
N ILE B 178 3.26 10.14 6.50
CA ILE B 178 3.12 8.77 6.99
C ILE B 178 4.49 8.11 7.13
N ASP B 179 5.39 8.41 6.20
CA ASP B 179 6.71 7.80 6.15
C ASP B 179 7.76 8.60 6.95
N ALA B 180 7.73 8.48 8.28
CA ALA B 180 8.76 9.07 9.12
C ALA B 180 10.06 8.30 8.94
N VAL B 181 11.18 9.02 8.94
CA VAL B 181 12.45 8.44 8.57
C VAL B 181 13.64 9.06 9.33
N ILE B 182 14.65 8.24 9.61
CA ILE B 182 15.97 8.75 9.97
C ILE B 182 16.89 8.44 8.81
N TYR B 183 17.59 9.46 8.33
CA TYR B 183 18.14 9.44 6.99
C TYR B 183 19.54 10.05 6.98
N ARG B 184 20.36 9.64 6.02
CA ARG B 184 21.68 10.23 5.85
C ARG B 184 21.96 10.35 4.38
N SER B 185 22.51 11.49 3.96
CA SER B 185 22.84 11.71 2.56
C SER B 185 24.04 12.62 2.46
N LEU B 186 24.48 12.91 1.24
CA LEU B 186 25.65 13.75 1.00
C LEU B 186 26.91 13.19 1.63
N GLY B 187 27.99 13.98 1.59
CA GLY B 187 29.24 13.59 2.21
C GLY B 187 29.95 12.46 1.48
N ASP B 188 29.77 12.40 0.16
CA ASP B 188 30.42 11.37 -0.66
C ASP B 188 30.24 9.98 -0.06
N SER B 189 29.12 9.78 0.62
CA SER B 189 28.80 8.51 1.25
C SER B 189 27.44 8.03 0.74
N PRO B 190 27.15 6.72 0.91
CA PRO B 190 25.86 6.20 0.45
C PRO B 190 24.73 6.78 1.27
N THR B 191 23.54 6.93 0.67
CA THR B 191 22.39 7.35 1.45
C THR B 191 21.84 6.14 2.18
N LEU B 192 21.35 6.35 3.40
CA LEU B 192 20.79 5.27 4.19
C LEU B 192 19.49 5.75 4.81
N ARG B 193 18.58 4.82 5.09
CA ARG B 193 17.35 5.19 5.75
C ARG B 193 16.90 4.07 6.67
N THR B 194 15.99 4.40 7.58
CA THR B 194 15.35 3.37 8.40
C THR B 194 14.34 2.59 7.53
N VAL B 195 14.06 1.35 7.93
CA VAL B 195 13.23 0.47 7.12
C VAL B 195 11.81 1.02 7.02
N LYS B 196 11.41 1.38 5.81
CA LYS B 196 10.08 1.95 5.58
C LYS B 196 8.99 1.02 6.07
N HIS B 197 8.02 1.58 6.79
CA HIS B 197 6.82 0.84 7.19
C HIS B 197 7.12 -0.28 8.17
N ASP B 198 8.19 -0.12 8.93
CA ASP B 198 8.50 -1.09 9.97
C ASP B 198 8.41 -0.38 11.31
N SER B 199 7.28 -0.58 11.99
CA SER B 199 7.02 0.17 13.20
C SER B 199 7.84 -0.34 14.40
N LYS B 200 8.65 -1.38 14.18
CA LYS B 200 9.60 -1.80 15.20
C LYS B 200 10.81 -0.87 15.17
N TRP B 201 11.10 -0.31 14.00
CA TRP B 201 12.17 0.67 13.87
C TRP B 201 11.65 2.03 14.38
N LEU B 202 10.52 2.48 13.82
CA LEU B 202 9.92 3.76 14.17
C LEU B 202 8.38 3.64 14.16
N LYS B 203 7.75 4.10 15.23
CA LYS B 203 6.29 4.10 15.30
C LYS B 203 5.75 5.50 15.61
N GLU B 204 5.35 6.20 14.55
CA GLU B 204 4.85 7.58 14.65
C GLU B 204 5.74 8.45 15.53
N PRO B 205 7.00 8.62 15.12
CA PRO B 205 7.96 9.33 15.97
C PRO B 205 7.81 10.84 15.88
N TYR B 206 8.23 11.53 16.94
CA TYR B 206 8.33 12.97 16.99
C TYR B 206 9.79 13.29 17.30
N PHE B 207 10.49 13.86 16.32
CA PHE B 207 11.94 13.99 16.39
C PHE B 207 12.38 15.21 17.18
N VAL B 208 13.29 15.02 18.13
CA VAL B 208 13.66 16.10 19.04
C VAL B 208 15.08 16.64 18.88
N GLN B 209 16.08 15.76 18.82
CA GLN B 209 17.46 16.22 18.84
C GLN B 209 18.41 15.15 18.34
N ALA B 210 19.55 15.57 17.79
CA ALA B 210 20.64 14.64 17.48
C ALA B 210 21.98 15.23 17.92
N VAL B 211 22.85 14.37 18.46
CA VAL B 211 24.19 14.81 18.83
C VAL B 211 25.25 13.92 18.20
N ASP B 212 26.40 14.51 17.93
CA ASP B 212 27.55 13.80 17.41
C ASP B 212 28.49 13.48 18.58
N TYR B 213 28.64 12.20 18.89
CA TYR B 213 29.47 11.80 20.02
C TYR B 213 30.23 10.52 19.77
N GLY B 214 31.54 10.63 19.62
CA GLY B 214 32.39 9.46 19.44
C GLY B 214 32.27 8.87 18.05
N ASP B 215 32.04 7.57 18.00
CA ASP B 215 31.85 6.87 16.73
C ASP B 215 30.40 6.91 16.26
N TYR B 216 29.52 7.60 16.99
CA TYR B 216 28.08 7.52 16.70
C TYR B 216 27.37 8.85 16.57
N ILE B 217 26.21 8.82 15.91
CA ILE B 217 25.23 9.89 16.04
C ILE B 217 24.12 9.37 16.94
N TYR B 218 23.73 10.16 17.92
CA TYR B 218 22.62 9.78 18.78
C TYR B 218 21.37 10.62 18.50
N PHE B 219 20.25 9.94 18.30
CA PHE B 219 18.98 10.61 18.01
C PHE B 219 18.08 10.51 19.21
N PHE B 220 17.43 11.62 19.54
CA PHE B 220 16.48 11.66 20.64
C PHE B 220 15.11 11.94 20.06
N PHE B 221 14.15 11.11 20.41
CA PHE B 221 12.80 11.28 19.91
C PHE B 221 11.80 10.59 20.83
N ARG B 222 10.52 10.74 20.52
CA ARG B 222 9.50 9.99 21.21
C ARG B 222 8.68 9.26 20.17
N GLU B 223 8.02 8.19 20.59
CA GLU B 223 7.24 7.40 19.65
C GLU B 223 6.28 6.55 20.43
N ILE B 224 5.32 5.97 19.73
CA ILE B 224 4.41 5.01 20.34
C ILE B 224 5.24 3.79 20.72
N ALA B 225 5.05 3.32 21.95
CA ALA B 225 5.84 2.22 22.51
C ALA B 225 5.28 0.84 22.15
N VAL B 226 6.01 0.07 21.34
CA VAL B 226 5.55 -1.29 21.04
C VAL B 226 5.58 -2.18 22.29
N GLU B 227 6.33 -1.76 23.31
CA GLU B 227 6.33 -2.42 24.62
C GLU B 227 4.92 -2.48 25.19
N TYR B 228 4.09 -1.51 24.81
CA TYR B 228 2.70 -1.46 25.26
C TYR B 228 1.69 -1.83 24.17
N ASN B 229 2.15 -2.53 23.14
CA ASN B 229 1.24 -2.99 22.08
C ASN B 229 -0.07 -3.48 22.68
N THR B 230 -0.03 -4.62 23.35
CA THR B 230 -1.15 -5.04 24.19
C THR B 230 -1.28 -3.98 25.27
N MET B 231 -2.50 -3.79 25.77
CA MET B 231 -2.82 -2.60 26.55
C MET B 231 -3.00 -1.44 25.59
N GLY B 232 -2.91 -0.22 26.08
CA GLY B 232 -3.23 0.94 25.25
C GLY B 232 -2.07 1.57 24.51
N LYS B 233 -2.36 2.65 23.80
CA LYS B 233 -1.35 3.47 23.17
C LYS B 233 -0.62 4.29 24.22
N VAL B 234 0.70 4.17 24.25
CA VAL B 234 1.53 4.88 25.21
C VAL B 234 2.74 5.44 24.46
N VAL B 235 3.10 6.68 24.74
CA VAL B 235 4.29 7.27 24.15
C VAL B 235 5.50 7.14 25.09
N PHE B 236 6.62 6.67 24.53
CA PHE B 236 7.88 6.55 25.28
C PHE B 236 8.90 7.49 24.64
N PRO B 237 9.85 8.02 25.44
CA PRO B 237 11.00 8.76 24.92
C PRO B 237 12.13 7.80 24.54
N ARG B 238 12.88 8.10 23.49
CA ARG B 238 13.95 7.19 23.06
C ARG B 238 15.25 7.92 22.77
N VAL B 239 16.35 7.21 22.92
CA VAL B 239 17.60 7.60 22.29
C VAL B 239 17.99 6.48 21.32
N ALA B 240 18.59 6.83 20.19
CA ALA B 240 19.01 5.82 19.22
C ALA B 240 20.42 6.11 18.71
N GLN B 241 21.18 5.05 18.47
CA GLN B 241 22.52 5.17 17.93
C GLN B 241 22.51 4.78 16.45
N VAL B 242 23.40 5.39 15.68
CA VAL B 242 23.85 4.84 14.40
C VAL B 242 25.35 5.06 14.31
N CYS B 243 26.03 4.14 13.63
CA CYS B 243 27.46 4.25 13.39
C CYS B 243 27.75 5.27 12.32
N LYS B 244 28.63 6.22 12.63
CA LYS B 244 29.03 7.23 11.66
C LYS B 244 29.60 6.61 10.37
N ASN B 245 30.18 5.42 10.49
CA ASN B 245 30.81 4.77 9.34
C ASN B 245 29.93 3.74 8.65
N ASP B 246 28.64 3.73 8.98
CA ASP B 246 27.72 2.78 8.37
C ASP B 246 27.77 2.91 6.85
N MET B 247 27.83 1.78 6.16
CA MET B 247 27.81 1.78 4.70
C MET B 247 26.60 1.04 4.14
N GLY B 248 25.67 0.67 5.02
CA GLY B 248 24.50 -0.09 4.59
C GLY B 248 24.74 -1.59 4.63
N GLY B 249 23.72 -2.35 4.26
CA GLY B 249 23.79 -3.80 4.32
C GLY B 249 24.34 -4.45 3.08
N SER B 250 24.13 -5.76 2.95
CA SER B 250 24.59 -6.53 1.80
C SER B 250 23.55 -6.53 0.70
N GLN B 251 23.84 -7.23 -0.38
CA GLN B 251 22.88 -7.46 -1.47
C GLN B 251 21.58 -8.09 -0.97
N ARG B 252 21.65 -8.87 0.11
CA ARG B 252 20.52 -9.66 0.56
C ARG B 252 19.79 -9.10 1.76
N VAL B 253 20.47 -8.31 2.59
CA VAL B 253 19.85 -7.78 3.80
C VAL B 253 20.21 -6.31 4.05
N LEU B 254 19.19 -5.49 4.28
CA LEU B 254 19.37 -4.10 4.67
C LEU B 254 20.23 -3.31 3.70
N GLU B 255 20.18 -3.67 2.43
CA GLU B 255 20.80 -2.86 1.41
C GLU B 255 20.17 -1.46 1.47
N LYS B 256 21.00 -0.44 1.47
CA LYS B 256 20.53 0.95 1.51
C LYS B 256 19.86 1.37 2.83
N GLN B 257 19.90 0.49 3.83
CA GLN B 257 19.35 0.80 5.15
C GLN B 257 20.46 0.78 6.20
N TRP B 258 20.19 1.34 7.37
CA TRP B 258 21.15 1.31 8.47
C TRP B 258 21.40 -0.13 8.88
N THR B 259 22.65 -0.43 9.21
CA THR B 259 23.02 -1.72 9.78
C THR B 259 23.43 -1.51 11.23
N SER B 260 23.18 -0.32 11.76
CA SER B 260 23.67 0.00 13.10
C SER B 260 22.61 0.66 13.96
N PHE B 261 21.35 0.57 13.54
CA PHE B 261 20.28 1.27 14.22
C PHE B 261 19.75 0.50 15.42
N LEU B 262 19.91 1.08 16.59
CA LEU B 262 19.36 0.53 17.83
C LEU B 262 18.79 1.69 18.64
N LYS B 263 17.73 1.42 19.40
CA LYS B 263 17.12 2.46 20.23
C LYS B 263 16.79 1.90 21.61
N ALA B 264 16.56 2.81 22.55
CA ALA B 264 16.24 2.41 23.91
C ALA B 264 15.39 3.48 24.60
N ARG B 265 14.49 3.03 25.46
CA ARG B 265 13.72 3.90 26.33
C ARG B 265 14.64 4.72 27.24
N LEU B 266 14.30 6.00 27.42
CA LEU B 266 14.98 6.83 28.42
C LEU B 266 14.13 6.81 29.68
N ASN B 267 14.79 6.71 30.83
CA ASN B 267 14.12 6.64 32.12
C ASN B 267 14.13 7.98 32.84
N CYS B 268 13.04 8.72 32.75
CA CYS B 268 12.88 9.92 33.56
C CYS B 268 11.70 9.71 34.51
N SER B 269 11.99 9.50 35.78
CA SER B 269 10.94 9.10 36.70
C SER B 269 11.24 9.50 38.12
N VAL B 270 10.19 9.70 38.90
CA VAL B 270 10.28 9.78 40.35
C VAL B 270 9.96 8.40 40.91
N PRO B 271 10.96 7.72 41.49
CA PRO B 271 10.72 6.33 41.93
C PRO B 271 9.83 6.28 43.16
N GLY B 272 9.07 5.20 43.33
CA GLY B 272 8.18 5.06 44.46
C GLY B 272 7.56 3.67 44.54
N ASP B 273 6.54 3.53 45.38
CA ASP B 273 5.80 2.28 45.45
C ASP B 273 5.52 1.85 44.02
N SER B 274 5.05 2.80 43.22
CA SER B 274 5.04 2.67 41.78
C SER B 274 5.81 3.87 41.24
N HIS B 275 6.59 3.67 40.18
CA HIS B 275 7.35 4.77 39.62
C HIS B 275 6.46 5.68 38.79
N PHE B 276 6.72 6.98 38.83
CA PHE B 276 5.98 7.93 38.02
C PHE B 276 6.85 8.45 36.89
N TYR B 277 6.49 8.10 35.66
CA TYR B 277 7.30 8.44 34.49
C TYR B 277 6.84 9.71 33.79
N PHE B 278 7.81 10.50 33.36
CA PHE B 278 7.56 11.59 32.44
C PHE B 278 8.01 11.08 31.10
N ASN B 279 7.05 10.77 30.24
CA ASN B 279 7.34 10.08 28.98
C ASN B 279 7.46 10.95 27.75
N ILE B 280 6.88 12.14 27.79
CA ILE B 280 6.81 12.99 26.61
C ILE B 280 8.02 13.92 26.49
N LEU B 281 9.02 13.46 25.75
CA LEU B 281 10.27 14.19 25.59
C LEU B 281 10.05 15.50 24.85
N GLN B 282 10.48 16.61 25.45
CA GLN B 282 10.27 17.95 24.89
C GLN B 282 11.52 18.53 24.22
N ALA B 283 12.69 18.38 24.85
CA ALA B 283 13.93 18.99 24.37
C ALA B 283 15.15 18.30 24.96
N VAL B 284 16.28 18.42 24.27
CA VAL B 284 17.55 17.85 24.71
C VAL B 284 18.69 18.76 24.26
N THR B 285 19.64 18.99 25.15
CA THR B 285 20.79 19.83 24.86
C THR B 285 21.78 19.11 23.96
N ASP B 286 22.82 19.83 23.56
CA ASP B 286 24.00 19.18 22.99
C ASP B 286 24.75 18.53 24.13
N VAL B 287 25.78 17.75 23.79
CA VAL B 287 26.61 17.13 24.82
C VAL B 287 27.35 18.21 25.60
N ILE B 288 27.24 18.15 26.92
CA ILE B 288 27.88 19.15 27.78
C ILE B 288 28.79 18.48 28.81
N ARG B 289 30.00 19.00 28.96
CA ARG B 289 30.92 18.54 29.98
C ARG B 289 30.52 19.16 31.32
N ILE B 290 30.15 18.30 32.26
CA ILE B 290 29.71 18.74 33.59
C ILE B 290 30.28 17.82 34.65
N ASN B 291 31.03 18.38 35.59
CA ASN B 291 31.57 17.59 36.69
C ASN B 291 32.42 16.42 36.17
N GLY B 292 33.16 16.66 35.10
CA GLY B 292 34.05 15.66 34.52
C GLY B 292 33.35 14.61 33.69
N ARG B 293 32.07 14.83 33.39
CA ARG B 293 31.31 13.84 32.65
C ARG B 293 30.67 14.45 31.40
N ASP B 294 30.56 13.66 30.34
CA ASP B 294 29.84 14.10 29.15
C ASP B 294 28.38 13.71 29.27
N VAL B 295 27.52 14.71 29.31
CA VAL B 295 26.08 14.51 29.52
C VAL B 295 25.22 15.32 28.57
N VAL B 296 23.95 14.92 28.44
CA VAL B 296 22.91 15.77 27.89
C VAL B 296 21.84 15.98 28.96
N LEU B 297 21.15 17.10 28.89
CA LEU B 297 20.00 17.34 29.74
C LEU B 297 18.76 17.35 28.86
N ALA B 298 17.64 16.87 29.40
CA ALA B 298 16.43 16.74 28.61
C ALA B 298 15.22 17.11 29.44
N THR B 299 14.22 17.72 28.80
CA THR B 299 12.98 18.03 29.49
C THR B 299 11.87 17.08 29.07
N PHE B 300 11.10 16.57 30.02
CA PHE B 300 10.02 15.64 29.73
C PHE B 300 8.73 16.18 30.34
N SER B 301 7.59 15.91 29.68
CA SER B 301 6.29 16.25 30.29
C SER B 301 5.38 15.02 30.38
N THR B 302 4.26 15.17 31.06
CA THR B 302 3.25 14.12 31.07
C THR B 302 2.45 14.27 29.78
N PRO B 303 1.66 13.24 29.43
CA PRO B 303 0.89 13.28 28.17
C PRO B 303 -0.12 14.42 28.16
N TYR B 304 -0.45 14.89 26.96
CA TYR B 304 -1.37 16.01 26.84
C TYR B 304 -2.76 15.68 27.40
N ASN B 305 -3.21 14.45 27.25
CA ASN B 305 -4.40 14.01 27.96
C ASN B 305 -4.10 13.52 29.39
N SER B 306 -3.56 14.39 30.21
CA SER B 306 -3.30 14.05 31.61
C SER B 306 -3.06 15.31 32.41
N ILE B 307 -3.06 15.17 33.73
CA ILE B 307 -2.66 16.25 34.62
C ILE B 307 -1.22 16.64 34.29
N PRO B 308 -0.99 17.93 34.01
CA PRO B 308 0.26 18.43 33.44
C PRO B 308 1.42 18.44 34.44
N GLY B 309 2.60 18.02 33.98
CA GLY B 309 3.79 18.02 34.80
C GLY B 309 5.03 17.98 33.93
N SER B 310 6.12 18.56 34.42
CA SER B 310 7.35 18.60 33.65
C SER B 310 8.52 18.19 34.52
N ALA B 311 9.56 17.66 33.90
CA ALA B 311 10.75 17.28 34.63
C ALA B 311 12.00 17.43 33.77
N VAL B 312 13.13 17.61 34.44
CA VAL B 312 14.42 17.70 33.80
C VAL B 312 15.30 16.54 34.31
N CYS B 313 15.73 15.68 33.40
CA CYS B 313 16.65 14.61 33.77
C CYS B 313 17.93 14.79 32.98
N ALA B 314 19.03 14.27 33.52
CA ALA B 314 20.32 14.31 32.84
C ALA B 314 20.76 12.89 32.51
N TYR B 315 21.46 12.74 31.40
CA TYR B 315 21.95 11.43 30.98
C TYR B 315 23.42 11.48 30.64
N ASP B 316 24.18 10.54 31.21
CA ASP B 316 25.62 10.40 30.95
C ASP B 316 25.81 9.66 29.64
N MET B 317 26.66 10.19 28.76
CA MET B 317 26.88 9.55 27.46
C MET B 317 27.42 8.13 27.59
N LEU B 318 27.99 7.81 28.75
CA LEU B 318 28.50 6.47 29.00
C LEU B 318 27.36 5.51 29.37
N ASP B 319 26.35 6.02 30.05
CA ASP B 319 25.18 5.21 30.39
C ASP B 319 24.35 4.93 29.14
N ILE B 320 24.39 5.87 28.20
CA ILE B 320 23.73 5.67 26.91
C ILE B 320 24.49 4.62 26.11
N ALA B 321 25.79 4.83 25.92
CA ALA B 321 26.59 3.83 25.22
C ALA B 321 26.35 2.47 25.86
N ASN B 322 26.32 2.45 27.19
CA ASN B 322 26.14 1.21 27.95
C ASN B 322 24.87 0.43 27.61
N VAL B 323 23.75 1.14 27.46
CA VAL B 323 22.50 0.43 27.22
C VAL B 323 22.56 -0.39 25.93
N PHE B 324 23.36 0.08 24.97
CA PHE B 324 23.46 -0.55 23.68
C PHE B 324 24.40 -1.76 23.66
N THR B 325 25.04 -2.03 24.79
CA THR B 325 25.85 -3.24 24.93
C THR B 325 25.05 -4.36 25.60
N GLY B 326 23.89 -4.02 26.18
CA GLY B 326 23.08 -4.96 26.92
C GLY B 326 22.25 -5.90 26.06
N ARG B 327 21.29 -6.57 26.68
CA ARG B 327 20.45 -7.54 25.96
C ARG B 327 19.38 -6.85 25.10
N PHE B 328 19.09 -7.47 23.96
CA PHE B 328 18.03 -7.00 23.07
C PHE B 328 16.67 -7.44 23.56
N LYS B 329 15.63 -6.71 23.16
CA LYS B 329 14.27 -7.08 23.50
C LYS B 329 13.69 -7.89 22.35
N GLU B 330 12.71 -8.73 22.66
CA GLU B 330 12.01 -9.48 21.64
C GLU B 330 10.62 -9.88 22.12
N GLN B 331 9.77 -10.25 21.17
CA GLN B 331 8.45 -10.74 21.49
C GLN B 331 8.31 -12.17 20.95
N LYS B 332 8.47 -13.14 21.85
CA LYS B 332 8.44 -14.56 21.49
C LYS B 332 7.20 -15.00 20.71
N SER B 333 6.25 -14.09 20.53
CA SER B 333 4.99 -14.41 19.88
C SER B 333 4.11 -13.18 19.85
N PRO B 334 3.26 -13.07 18.81
CA PRO B 334 2.33 -11.95 18.69
C PRO B 334 1.45 -11.79 19.92
N ASP B 335 1.51 -12.73 20.85
CA ASP B 335 0.60 -12.72 22.00
C ASP B 335 1.33 -12.69 23.35
N SER B 336 2.65 -12.61 23.32
CA SER B 336 3.43 -12.62 24.55
C SER B 336 4.01 -11.25 24.90
N THR B 337 4.49 -11.13 26.13
CA THR B 337 5.09 -9.89 26.60
C THR B 337 6.52 -9.79 26.07
N TRP B 338 7.08 -8.58 26.09
CA TRP B 338 8.43 -8.38 25.61
C TRP B 338 9.46 -8.83 26.64
N THR B 339 10.41 -9.65 26.19
CA THR B 339 11.39 -10.25 27.08
C THR B 339 12.80 -10.05 26.55
N PRO B 340 13.81 -10.19 27.41
CA PRO B 340 15.19 -10.04 26.94
C PRO B 340 15.62 -11.24 26.10
N VAL B 341 16.41 -11.02 25.05
CA VAL B 341 17.01 -12.11 24.32
C VAL B 341 18.27 -12.57 25.05
N PRO B 342 18.39 -13.89 25.26
CA PRO B 342 19.59 -14.48 25.88
C PRO B 342 20.79 -14.24 24.97
N ASP B 343 21.95 -13.95 25.55
CA ASP B 343 23.10 -13.63 24.74
C ASP B 343 23.49 -14.76 23.79
N GLU B 344 23.22 -16.00 24.20
CA GLU B 344 23.57 -17.17 23.40
C GLU B 344 22.89 -17.12 22.03
N ARG B 345 21.75 -16.44 21.96
CA ARG B 345 21.01 -16.34 20.70
C ARG B 345 21.42 -15.12 19.89
N VAL B 346 22.37 -14.33 20.39
CA VAL B 346 22.83 -13.15 19.66
C VAL B 346 23.98 -13.50 18.74
N PRO B 347 23.88 -13.13 17.47
CA PRO B 347 24.89 -13.49 16.47
C PRO B 347 26.24 -12.83 16.72
N LYS B 348 27.26 -13.35 16.05
CA LYS B 348 28.58 -12.73 15.99
C LYS B 348 28.91 -12.51 14.52
N PRO B 349 29.39 -11.30 14.18
CA PRO B 349 29.69 -10.18 15.08
C PRO B 349 28.43 -9.61 15.72
N ARG B 350 28.59 -8.87 16.81
CA ARG B 350 27.45 -8.32 17.53
C ARG B 350 26.75 -7.22 16.73
N PRO B 351 25.42 -7.33 16.62
CA PRO B 351 24.62 -6.28 15.97
C PRO B 351 24.80 -4.94 16.66
N GLY B 352 25.08 -3.90 15.88
CA GLY B 352 25.18 -2.56 16.42
C GLY B 352 26.61 -2.10 16.60
N CYS B 353 27.55 -3.03 16.48
CA CYS B 353 28.96 -2.69 16.57
C CYS B 353 29.45 -2.27 15.19
N CYS B 354 30.25 -1.20 15.15
CA CYS B 354 30.72 -0.62 13.91
C CYS B 354 31.84 -1.43 13.24
N ALA B 355 31.75 -1.55 11.92
CA ALA B 355 32.82 -2.19 11.15
C ALA B 355 34.17 -1.59 11.55
N GLY B 356 35.19 -2.45 11.65
CA GLY B 356 36.52 -2.00 12.02
C GLY B 356 36.66 -1.76 13.51
N SER B 357 35.66 -2.17 14.29
CA SER B 357 35.73 -2.10 15.74
C SER B 357 36.60 -3.25 16.25
N SER B 358 36.59 -3.47 17.56
CA SER B 358 37.46 -4.48 18.18
C SER B 358 37.38 -5.87 17.55
N SER B 359 36.23 -6.52 17.67
CA SER B 359 36.10 -7.87 17.14
C SER B 359 35.91 -7.85 15.63
N LEU B 360 35.81 -6.65 15.06
CA LEU B 360 35.35 -6.51 13.68
C LEU B 360 36.34 -5.88 12.71
N GLU B 361 37.65 -5.96 12.99
CA GLU B 361 38.64 -5.45 12.04
C GLU B 361 38.56 -6.25 10.73
N LYS B 362 38.09 -7.48 10.84
CA LYS B 362 37.93 -8.36 9.69
C LYS B 362 37.02 -7.75 8.63
N TYR B 363 36.09 -6.89 9.07
CA TYR B 363 35.10 -6.29 8.17
C TYR B 363 35.47 -4.87 7.74
N ALA B 364 35.74 -4.70 6.45
CA ALA B 364 36.11 -3.39 5.92
C ALA B 364 34.94 -2.41 6.01
N THR B 365 33.74 -2.89 5.70
CA THR B 365 32.53 -2.08 5.84
C THR B 365 31.34 -2.95 6.22
N SER B 366 30.26 -2.29 6.62
CA SER B 366 29.03 -2.98 6.99
C SER B 366 28.49 -3.86 5.86
N ASN B 367 28.85 -3.51 4.62
CA ASN B 367 28.39 -4.29 3.47
C ASN B 367 28.82 -5.75 3.55
N GLU B 368 29.92 -6.00 4.27
CA GLU B 368 30.47 -7.34 4.37
C GLU B 368 29.99 -8.06 5.62
N PHE B 369 29.11 -7.43 6.40
CA PHE B 369 28.54 -8.09 7.58
C PHE B 369 27.81 -9.36 7.14
N PRO B 370 27.77 -10.38 8.03
CA PRO B 370 27.10 -11.63 7.66
C PRO B 370 25.59 -11.45 7.75
N ASP B 371 24.83 -12.37 7.18
CA ASP B 371 23.38 -12.21 7.12
C ASP B 371 22.68 -12.43 8.45
N ASP B 372 23.18 -13.36 9.26
CA ASP B 372 22.54 -13.61 10.55
C ASP B 372 22.62 -12.37 11.44
N THR B 373 23.72 -11.64 11.36
CA THR B 373 23.88 -10.39 12.08
C THR B 373 22.91 -9.31 11.56
N LEU B 374 22.88 -9.12 10.24
CA LEU B 374 22.02 -8.11 9.64
C LEU B 374 20.55 -8.43 9.86
N ASN B 375 20.18 -9.69 9.65
CA ASN B 375 18.82 -10.15 9.89
C ASN B 375 18.38 -9.96 11.34
N PHE B 376 19.31 -10.18 12.27
CA PHE B 376 18.97 -10.04 13.68
C PHE B 376 18.69 -8.58 14.06
N ILE B 377 19.54 -7.66 13.61
CA ILE B 377 19.37 -6.27 13.97
C ILE B 377 18.16 -5.68 13.25
N LYS B 378 17.86 -6.19 12.06
CA LYS B 378 16.71 -5.74 11.30
C LYS B 378 15.44 -6.07 12.06
N THR B 379 15.49 -7.14 12.83
CA THR B 379 14.31 -7.63 13.56
C THR B 379 14.37 -7.35 15.06
N HIS B 380 15.49 -6.81 15.54
CA HIS B 380 15.61 -6.45 16.95
C HIS B 380 16.23 -5.06 17.16
N PRO B 381 15.56 -4.01 16.67
CA PRO B 381 16.18 -2.68 16.81
C PRO B 381 16.12 -2.16 18.25
N LEU B 382 15.27 -2.77 19.07
CA LEU B 382 15.01 -2.26 20.42
C LEU B 382 15.78 -2.99 21.53
N MET B 383 16.44 -2.23 22.40
CA MET B 383 17.15 -2.79 23.55
C MET B 383 16.16 -3.09 24.69
N ASP B 384 16.53 -4.01 25.57
CA ASP B 384 15.63 -4.39 26.67
C ASP B 384 15.55 -3.33 27.76
N GLU B 385 16.70 -2.79 28.15
CA GLU B 385 16.78 -1.90 29.30
C GLU B 385 16.50 -0.44 28.94
N ALA B 386 16.13 0.34 29.95
CA ALA B 386 15.99 1.78 29.81
C ALA B 386 17.23 2.50 30.35
N VAL B 387 17.61 3.61 29.75
CA VAL B 387 18.77 4.38 30.20
C VAL B 387 18.47 5.06 31.53
N PRO B 388 19.30 4.79 32.56
CA PRO B 388 19.12 5.41 33.87
C PRO B 388 19.49 6.87 33.79
N SER B 389 18.84 7.71 34.58
CA SER B 389 19.22 9.11 34.63
C SER B 389 20.27 9.33 35.71
N ILE B 390 21.08 10.38 35.56
CA ILE B 390 22.06 10.73 36.56
C ILE B 390 21.34 11.06 37.86
N ILE B 391 21.67 10.33 38.92
CA ILE B 391 21.00 10.48 40.22
C ILE B 391 19.70 9.67 40.29
N ASN B 392 19.32 9.06 39.17
CA ASN B 392 18.15 8.18 39.11
C ASN B 392 16.85 8.85 39.56
N ARG B 393 16.73 10.13 39.23
CA ARG B 393 15.51 10.89 39.45
C ARG B 393 15.71 12.26 38.81
N PRO B 394 14.63 13.03 38.63
CA PRO B 394 14.79 14.34 37.99
C PRO B 394 15.61 15.30 38.83
N TRP B 395 16.36 16.17 38.16
CA TRP B 395 17.09 17.25 38.82
C TRP B 395 16.11 18.36 39.19
N PHE B 396 15.02 18.47 38.42
CA PHE B 396 14.05 19.54 38.60
C PHE B 396 12.64 19.09 38.23
N LEU B 397 11.66 19.57 39.00
CA LEU B 397 10.26 19.23 38.76
C LEU B 397 9.38 20.48 38.78
N ARG B 398 8.34 20.49 37.95
CA ARG B 398 7.26 21.47 38.03
C ARG B 398 5.93 20.76 37.83
N THR B 399 5.12 20.65 38.88
CA THR B 399 3.86 19.94 38.77
C THR B 399 2.67 20.75 39.33
N MET B 400 2.88 22.03 39.55
CA MET B 400 1.83 22.88 40.09
C MET B 400 1.46 24.04 39.17
N VAL B 401 1.95 24.01 37.94
CA VAL B 401 1.62 25.03 36.95
C VAL B 401 0.83 24.43 35.80
N ARG B 402 0.22 25.29 34.98
CA ARG B 402 -0.66 24.84 33.91
C ARG B 402 0.08 24.63 32.59
N TYR B 403 1.33 25.08 32.55
CA TYR B 403 2.13 24.97 31.33
C TYR B 403 3.22 23.91 31.45
N ARG B 404 3.87 23.62 30.32
CA ARG B 404 4.94 22.63 30.30
C ARG B 404 6.30 23.26 30.06
N LEU B 405 7.33 22.64 30.64
CA LEU B 405 8.70 23.03 30.35
C LEU B 405 9.06 22.47 28.97
N THR B 406 9.82 23.25 28.20
CA THR B 406 10.13 22.85 26.83
C THR B 406 11.63 23.01 26.58
N LYS B 407 12.03 24.17 26.09
CA LYS B 407 13.42 24.39 25.71
C LYS B 407 14.38 24.42 26.91
N ILE B 408 15.64 24.13 26.64
CA ILE B 408 16.64 24.06 27.69
C ILE B 408 17.97 24.59 27.18
N ALA B 409 18.62 25.42 28.01
CA ALA B 409 19.97 25.89 27.73
C ALA B 409 20.82 25.79 29.01
N VAL B 410 22.12 25.57 28.85
CA VAL B 410 22.99 25.32 29.99
C VAL B 410 24.28 26.11 29.91
N ASP B 411 24.61 26.78 31.02
CA ASP B 411 25.92 27.40 31.17
C ASP B 411 26.72 26.55 32.15
N ASN B 412 27.72 25.84 31.64
CA ASN B 412 28.51 24.96 32.47
C ASN B 412 29.77 25.62 33.03
N ALA B 413 29.87 26.93 32.89
CA ALA B 413 31.05 27.67 33.34
C ALA B 413 30.67 29.00 33.96
N ALA B 414 29.58 29.00 34.72
CA ALA B 414 29.10 30.22 35.36
C ALA B 414 29.85 30.50 36.66
N GLY B 415 30.03 31.78 36.97
CA GLY B 415 30.68 32.18 38.21
C GLY B 415 32.07 32.73 38.00
N PRO B 416 32.62 33.40 39.03
CA PRO B 416 34.00 33.90 39.01
C PRO B 416 34.97 32.81 38.60
N TYR B 417 34.72 31.60 39.07
CA TYR B 417 35.62 30.49 38.85
C TYR B 417 35.09 29.51 37.79
N GLN B 418 34.16 29.99 36.97
CA GLN B 418 33.65 29.24 35.83
C GLN B 418 33.43 27.76 36.13
N ASN B 419 32.83 27.47 37.21
CA ASN B 419 32.66 26.09 37.62
C ASN B 419 31.30 25.75 38.22
N HIS B 420 30.39 26.63 38.07
CA HIS B 420 29.00 26.30 38.42
C HIS B 420 28.19 25.94 37.18
N THR B 421 27.18 25.10 37.38
CA THR B 421 26.30 24.70 36.29
C THR B 421 24.92 25.31 36.50
N VAL B 422 24.58 26.26 35.65
CA VAL B 422 23.26 26.89 35.69
C VAL B 422 22.44 26.46 34.49
N VAL B 423 21.20 26.11 34.74
CA VAL B 423 20.32 25.62 33.70
C VAL B 423 19.15 26.59 33.46
N PHE B 424 18.92 26.94 32.21
CA PHE B 424 17.77 27.78 31.84
C PHE B 424 16.71 26.93 31.16
N LEU B 425 15.47 27.08 31.60
CA LEU B 425 14.34 26.32 31.07
C LEU B 425 13.25 27.22 30.50
N GLY B 426 12.96 27.08 29.21
CA GLY B 426 11.82 27.73 28.59
C GLY B 426 10.52 26.97 28.81
N SER B 427 9.39 27.60 28.46
CA SER B 427 8.06 26.99 28.64
C SER B 427 7.07 27.43 27.56
N GLU B 428 5.86 26.88 27.60
CA GLU B 428 4.82 27.22 26.63
C GLU B 428 4.25 28.62 26.85
N LYS B 429 4.49 29.17 28.04
CA LYS B 429 3.92 30.47 28.41
C LYS B 429 4.92 31.60 28.50
N GLY B 430 6.08 31.44 27.86
CA GLY B 430 7.08 32.50 27.81
C GLY B 430 7.77 32.73 29.14
N ILE B 431 7.66 31.76 30.04
CA ILE B 431 8.30 31.86 31.34
C ILE B 431 9.61 31.10 31.37
N ILE B 432 10.68 31.79 31.75
CA ILE B 432 12.01 31.19 31.89
C ILE B 432 12.28 30.77 33.33
N LEU B 433 12.83 29.58 33.52
CA LEU B 433 13.19 29.11 34.84
C LEU B 433 14.70 28.90 34.93
N LYS B 434 15.28 29.26 36.06
CA LYS B 434 16.73 29.21 36.23
C LYS B 434 17.07 28.43 37.49
N PHE B 435 17.86 27.37 37.35
CA PHE B 435 18.30 26.63 38.53
C PHE B 435 19.78 26.28 38.47
N LEU B 436 20.36 26.09 39.65
CA LEU B 436 21.76 25.74 39.79
C LEU B 436 21.84 24.24 40.05
N ALA B 437 22.67 23.54 39.27
CA ALA B 437 22.89 22.12 39.48
C ALA B 437 23.95 21.90 40.55
N ARG B 438 23.52 21.37 41.69
CA ARG B 438 24.44 21.11 42.81
C ARG B 438 25.47 20.05 42.43
N ILE B 439 26.72 20.27 42.84
CA ILE B 439 27.79 19.33 42.54
C ILE B 439 28.60 19.00 43.80
N LEU B 445 26.77 15.37 41.35
CA LEU B 445 25.83 16.03 40.46
C LEU B 445 24.41 16.04 41.03
N ASN B 446 24.31 15.89 42.34
CA ASN B 446 23.03 15.69 43.02
C ASN B 446 22.18 16.95 43.21
N GLY B 447 20.91 16.87 42.80
CA GLY B 447 19.92 17.87 43.16
C GLY B 447 19.94 19.18 42.39
N SER B 448 19.29 20.20 42.95
CA SER B 448 19.20 21.51 42.32
C SER B 448 18.62 22.58 43.24
N LEU B 449 18.95 23.83 42.94
CA LEU B 449 18.47 24.99 43.69
C LEU B 449 17.78 25.96 42.75
N PHE B 450 16.55 26.35 43.10
CA PHE B 450 15.72 27.14 42.20
C PHE B 450 15.97 28.65 42.34
N LEU B 451 16.83 29.18 41.47
CA LEU B 451 17.28 30.56 41.58
C LEU B 451 16.24 31.60 41.17
N GLU B 452 15.61 31.40 40.02
CA GLU B 452 14.84 32.47 39.42
C GLU B 452 13.71 31.99 38.50
N GLU B 453 12.55 32.63 38.61
CA GLU B 453 11.49 32.48 37.64
C GLU B 453 11.21 33.84 37.03
N MET B 454 11.18 33.91 35.71
CA MET B 454 10.90 35.19 35.06
C MET B 454 9.96 35.11 33.86
N ASN B 455 9.08 36.12 33.77
CA ASN B 455 8.22 36.28 32.60
C ASN B 455 8.90 37.19 31.59
N VAL B 456 9.39 36.62 30.49
CA VAL B 456 10.15 37.41 29.53
C VAL B 456 9.34 37.80 28.30
N TYR B 457 8.18 37.17 28.08
CA TYR B 457 7.36 37.55 26.93
C TYR B 457 6.94 39.02 27.04
N ASN B 458 7.13 39.77 25.96
CA ASN B 458 6.86 41.21 25.95
C ASN B 458 5.69 41.60 25.05
N PRO B 459 4.47 41.61 25.61
CA PRO B 459 3.25 41.87 24.85
C PRO B 459 3.39 43.12 23.99
N GLU B 460 4.04 44.13 24.53
CA GLU B 460 4.18 45.39 23.83
C GLU B 460 5.00 45.27 22.55
N LYS B 461 6.05 44.47 22.55
CA LYS B 461 6.87 44.32 21.36
C LYS B 461 6.48 43.10 20.52
N CYS B 462 5.91 42.08 21.17
CA CYS B 462 5.74 40.76 20.56
C CYS B 462 4.31 40.42 20.14
N SER B 463 3.33 41.07 20.77
CA SER B 463 1.94 40.84 20.40
C SER B 463 1.49 41.82 19.33
N TYR B 464 1.63 41.45 18.07
CA TYR B 464 1.19 42.31 16.98
C TYR B 464 0.64 41.48 15.82
N ASP B 465 0.08 42.16 14.82
CA ASP B 465 -0.50 41.51 13.66
C ASP B 465 -1.41 40.35 14.04
N GLY B 466 -2.13 40.50 15.15
CA GLY B 466 -3.10 39.50 15.58
C GLY B 466 -2.52 38.25 16.21
N VAL B 467 -1.21 38.20 16.40
CA VAL B 467 -0.57 37.02 17.00
C VAL B 467 -0.13 37.30 18.44
N GLU B 468 -0.66 36.53 19.39
CA GLU B 468 -0.06 36.48 20.72
C GLU B 468 0.26 35.03 21.09
N ASP B 469 1.47 34.63 20.76
CA ASP B 469 1.89 33.24 20.93
C ASP B 469 3.12 33.21 21.82
N LYS B 470 2.92 32.80 23.08
CA LYS B 470 3.97 32.87 24.09
C LYS B 470 4.89 31.65 24.12
N ARG B 471 4.77 30.78 23.12
CA ARG B 471 5.58 29.57 23.10
C ARG B 471 7.03 29.86 22.77
N ILE B 472 7.93 29.45 23.65
CA ILE B 472 9.35 29.64 23.40
C ILE B 472 9.81 28.63 22.36
N MET B 473 10.35 29.14 21.25
CA MET B 473 10.67 28.27 20.13
C MET B 473 12.15 27.94 20.01
N GLY B 474 12.98 28.61 20.80
CA GLY B 474 14.39 28.31 20.85
C GLY B 474 15.08 29.22 21.85
N MET B 475 16.24 28.79 22.35
CA MET B 475 17.04 29.59 23.25
C MET B 475 18.52 29.38 22.93
N GLN B 476 19.25 30.47 22.75
CA GLN B 476 20.69 30.40 22.53
C GLN B 476 21.41 31.13 23.65
N LEU B 477 22.13 30.38 24.46
CA LEU B 477 22.90 30.97 25.53
C LEU B 477 24.25 31.39 24.96
N ASP B 478 24.60 32.65 25.15
CA ASP B 478 25.86 33.19 24.63
C ASP B 478 26.69 33.86 25.72
N ARG B 479 27.64 33.12 26.28
CA ARG B 479 28.50 33.64 27.35
C ARG B 479 29.17 34.98 27.01
N ALA B 480 29.77 35.07 25.84
CA ALA B 480 30.56 36.25 25.48
C ALA B 480 29.76 37.55 25.49
N SER B 481 28.46 37.48 25.21
CA SER B 481 27.62 38.69 25.26
C SER B 481 26.80 38.73 26.54
N GLY B 482 27.05 37.77 27.43
CA GLY B 482 26.38 37.69 28.70
C GLY B 482 24.86 37.52 28.63
N SER B 483 24.39 36.82 27.61
CA SER B 483 22.96 36.81 27.33
C SER B 483 22.40 35.44 26.92
N LEU B 484 21.10 35.29 27.18
CA LEU B 484 20.31 34.17 26.67
C LEU B 484 19.30 34.71 25.68
N TYR B 485 19.45 34.37 24.39
CA TYR B 485 18.52 34.83 23.36
C TYR B 485 17.33 33.89 23.25
N VAL B 486 16.13 34.46 23.38
CA VAL B 486 14.91 33.68 23.51
C VAL B 486 13.97 33.99 22.35
N ALA B 487 13.70 32.99 21.53
CA ALA B 487 12.91 33.17 20.31
C ALA B 487 11.43 32.88 20.55
N PHE B 488 10.58 33.79 20.08
CA PHE B 488 9.15 33.53 19.97
C PHE B 488 8.80 33.57 18.50
N SER B 489 7.55 33.22 18.17
CA SER B 489 7.07 33.28 16.80
C SER B 489 7.24 34.67 16.19
N THR B 490 7.04 35.71 16.99
CA THR B 490 7.01 37.06 16.45
C THR B 490 8.21 37.91 16.85
N CYS B 491 9.03 37.41 17.77
CA CYS B 491 10.12 38.22 18.29
C CYS B 491 11.23 37.40 18.93
N VAL B 492 12.43 37.97 19.00
CA VAL B 492 13.52 37.38 19.74
C VAL B 492 14.00 38.34 20.85
N ILE B 493 14.08 37.82 22.07
CA ILE B 493 14.41 38.64 23.23
C ILE B 493 15.82 38.38 23.77
N LYS B 494 16.53 39.45 24.09
CA LYS B 494 17.87 39.35 24.68
C LYS B 494 17.79 39.46 26.21
N VAL B 495 18.04 38.35 26.88
CA VAL B 495 17.91 38.29 28.34
C VAL B 495 19.28 38.15 29.00
N PRO B 496 19.58 39.03 29.97
CA PRO B 496 20.86 38.96 30.67
C PRO B 496 20.92 37.68 31.47
N LEU B 497 22.08 37.01 31.50
CA LEU B 497 22.19 35.75 32.22
C LEU B 497 21.87 35.92 33.70
N GLY B 498 22.32 37.05 34.26
CA GLY B 498 22.06 37.36 35.65
C GLY B 498 21.38 38.71 35.84
N ARG B 499 20.75 38.87 36.99
CA ARG B 499 20.10 40.13 37.33
C ARG B 499 20.86 40.77 38.48
N CYS B 500 22.19 40.79 38.36
CA CYS B 500 23.06 41.17 39.47
C CYS B 500 22.90 42.63 39.90
N GLU B 501 23.27 43.55 39.01
CA GLU B 501 23.24 44.97 39.31
C GLU B 501 21.85 45.43 39.78
N ARG B 502 20.86 44.56 39.56
CA ARG B 502 19.48 44.81 39.97
C ARG B 502 19.33 45.08 41.46
N HIS B 503 20.18 44.46 42.28
CA HIS B 503 20.08 44.59 43.73
C HIS B 503 20.70 45.89 44.24
N GLY B 504 21.21 46.71 43.33
CA GLY B 504 21.80 47.98 43.70
C GLY B 504 22.74 47.88 44.88
N LYS B 505 22.40 48.59 45.95
CA LYS B 505 23.27 48.67 47.12
C LYS B 505 22.76 47.84 48.30
N CYS B 506 21.80 46.97 48.06
CA CYS B 506 21.29 46.09 49.11
C CYS B 506 22.06 44.78 49.18
N LYS B 507 23.01 44.70 50.12
CA LYS B 507 23.85 43.52 50.23
C LYS B 507 23.06 42.27 50.63
N LYS B 508 22.05 42.46 51.48
CA LYS B 508 21.22 41.34 51.92
C LYS B 508 20.62 40.59 50.74
N THR B 509 19.94 41.33 49.86
CA THR B 509 19.31 40.75 48.69
C THR B 509 20.34 40.10 47.76
N CYS B 510 21.43 40.81 47.51
CA CYS B 510 22.52 40.32 46.67
C CYS B 510 23.04 38.95 47.12
N ILE B 511 23.36 38.85 48.41
CA ILE B 511 23.91 37.61 48.96
C ILE B 511 22.88 36.49 49.02
N ALA B 512 21.64 36.85 49.33
CA ALA B 512 20.56 35.87 49.46
C ALA B 512 20.17 35.30 48.10
N SER B 513 20.52 36.00 47.04
CA SER B 513 20.22 35.55 45.68
C SER B 513 20.85 34.18 45.46
N ARG B 514 22.00 33.95 46.08
CA ARG B 514 22.71 32.70 45.96
C ARG B 514 22.97 32.36 44.49
N ASP B 515 23.18 33.40 43.69
CA ASP B 515 23.35 33.24 42.24
C ASP B 515 24.80 33.34 41.80
N PRO B 516 25.34 32.24 41.24
CA PRO B 516 26.71 32.12 40.73
C PRO B 516 27.21 33.35 39.96
N TYR B 517 26.34 34.03 39.22
CA TYR B 517 26.77 35.19 38.43
C TYR B 517 26.97 36.42 39.30
N CYS B 518 26.34 36.44 40.47
CA CYS B 518 26.27 37.65 41.27
C CYS B 518 27.13 37.61 42.51
N GLY B 519 27.50 38.79 42.97
CA GLY B 519 28.30 38.94 44.16
C GLY B 519 28.31 40.39 44.60
N TRP B 520 28.69 40.60 45.85
CA TRP B 520 28.77 41.95 46.43
C TRP B 520 30.20 42.45 46.27
N VAL B 521 30.39 43.54 45.53
CA VAL B 521 31.71 44.11 45.36
C VAL B 521 31.96 45.22 46.39
N ARG B 522 33.02 45.08 47.17
CA ARG B 522 33.29 46.00 48.26
C ARG B 522 33.92 47.32 47.83
N GLU B 523 34.12 47.51 46.53
CA GLU B 523 34.74 48.74 46.02
C GLU B 523 33.71 49.70 45.45
N SER B 524 32.51 49.21 45.17
CA SER B 524 31.44 50.04 44.67
C SER B 524 30.33 50.10 45.71
N GLY B 525 30.42 49.21 46.70
CA GLY B 525 29.34 49.04 47.65
C GLY B 525 28.08 48.67 46.92
N SER B 526 28.18 47.69 46.02
CA SER B 526 27.05 47.31 45.18
C SER B 526 27.17 45.88 44.67
N CYS B 527 26.03 45.34 44.23
CA CYS B 527 25.97 43.99 43.68
C CYS B 527 26.21 44.05 42.18
N ALA B 528 27.13 43.23 41.67
CA ALA B 528 27.43 43.23 40.25
C ALA B 528 27.71 41.82 39.71
N HIS B 529 27.72 41.67 38.39
CA HIS B 529 28.07 40.39 37.79
C HIS B 529 29.58 40.21 37.86
N LEU B 530 30.01 38.98 38.14
CA LEU B 530 31.43 38.72 38.35
C LEU B 530 32.02 38.08 37.09
N SER B 531 33.22 38.50 36.71
CA SER B 531 33.88 37.88 35.57
C SER B 531 35.23 37.30 36.00
N PRO B 532 35.64 36.19 35.37
CA PRO B 532 36.91 35.53 35.63
C PRO B 532 38.11 36.45 35.39
N LEU B 533 37.86 37.63 34.83
CA LEU B 533 38.90 38.60 34.56
C LEU B 533 39.00 39.65 35.67
N SER B 534 38.00 39.66 36.54
CA SER B 534 37.94 40.62 37.63
C SER B 534 39.00 40.35 38.69
N ARG B 535 39.88 41.33 38.90
CA ARG B 535 40.90 41.24 39.93
C ARG B 535 40.33 41.75 41.26
N LEU B 536 39.11 42.28 41.21
CA LEU B 536 38.47 42.88 42.37
C LEU B 536 37.99 41.84 43.38
N THR B 537 37.81 42.26 44.62
CA THR B 537 37.40 41.38 45.70
C THR B 537 35.88 41.36 45.83
N PHE B 538 35.31 40.17 45.77
CA PHE B 538 33.86 40.03 45.83
C PHE B 538 33.41 39.22 47.04
N GLU B 539 32.11 39.21 47.28
CA GLU B 539 31.51 38.37 48.30
C GLU B 539 30.25 37.68 47.76
N GLN B 540 30.27 36.36 47.75
CA GLN B 540 29.10 35.58 47.43
C GLN B 540 29.02 34.35 48.31
N ASP B 541 27.85 34.09 48.85
CA ASP B 541 27.60 32.87 49.61
C ASP B 541 26.56 32.04 48.85
N ILE B 542 27.03 31.07 48.07
CA ILE B 542 26.14 30.27 47.25
C ILE B 542 25.70 29.00 47.98
N GLU B 543 26.61 28.42 48.75
CA GLU B 543 26.31 27.21 49.51
C GLU B 543 25.25 27.47 50.57
N ARG B 544 25.05 28.75 50.91
CA ARG B 544 23.91 29.16 51.72
C ARG B 544 23.62 30.63 51.44
N GLY B 545 22.47 31.13 51.89
CA GLY B 545 22.10 32.50 51.63
C GLY B 545 22.06 33.33 52.90
N ASN B 546 22.91 32.97 53.86
CA ASN B 546 22.87 33.57 55.18
C ASN B 546 22.90 35.10 55.16
N THR B 547 21.80 35.71 55.59
CA THR B 547 21.69 37.16 55.64
C THR B 547 22.11 37.72 56.99
N ASP B 548 21.61 37.11 58.06
CA ASP B 548 21.82 37.54 59.46
C ASP B 548 21.93 39.06 59.72
N GLY B 551 20.29 43.10 57.80
CA GLY B 551 19.17 43.69 57.08
C GLY B 551 19.53 45.06 56.57
N ASP B 552 18.59 45.70 55.86
CA ASP B 552 17.31 45.08 55.57
C ASP B 552 16.85 45.40 54.15
N CYS B 553 16.97 46.67 53.77
CA CYS B 553 16.54 47.15 52.47
C CYS B 553 15.02 47.07 52.33
#